data_4CJA
#
_entry.id   4CJA
#
_cell.length_a   70.242
_cell.length_b   95.950
_cell.length_c   76.446
_cell.angle_alpha   90.00
_cell.angle_beta   109.50
_cell.angle_gamma   90.00
#
_symmetry.space_group_name_H-M   'P 1 21 1'
#
loop_
_entity.id
_entity.type
_entity.pdbx_description
1 polymer BURRH
2 polymer "5'-D(*DTP*TP*AP*AP*GP*AP*GP*AP*AP*GP*CP*AP*AP*DP *TP*AP*CP*GP*TP*TP*AP*TP*AP)-3'"
3 polymer "5'-D(*DTP*AP*TP*AP*AP*CP*GP*TP*AP*TP*TP*TP*GP*CP *TP*TP*CP*TP*CP*TP*TP*AP*AP)-3'"
4 water water
#
loop_
_entity_poly.entity_id
_entity_poly.type
_entity_poly.pdbx_seq_one_letter_code
_entity_poly.pdbx_strand_id
1 'polypeptide(L)'
;STAFVDQDKQMANRLNLSPLERSKIEKQYGGATTLAFISNKQQELAQILSRADILKIASYDCAAHALQAVLDCGPMLGKR
GFSQSDIVKIAGNIGGAQALQAVLDLESMLGKRGFSRDDIAKMAGNIGGAQTLQAVLDLESAFRERGFSQADIVKIAGNN
GGAQALYSVLDVEPTLGKRGFSRADIVKIAGNTGGAQALHTVLDLEPALGKRGFSRIDIVKIAANNGGAQALHAVLDLGP
TLRECGFSQATIAKIAGNIGGAQALQMVLDLGPALGKRGFSQATIAKIAGNIGGAQALQTVLDLEPALCERGFSQATIAK
MAGNNGGAQALQTVLDLEPALRKRDFRQADIIKIAGNDGGAQALQAVIEHGPTLRQHGFNLADIVKMAGNIGGAQALQAV
LDLKPVLDEHGFSQPDIVKMAGNIGGAQALQAVLSLGPALRERGFSQPDIVKIAGNTGGAQALQAVLDLELTLVEHGFSQ
PDIVRITGNRGGAQALQAVLALELTLRERGFSQPDIVKIAGNSGGAQALQAVLDLELTFRERGFSQADIVKIAGNDGGTQ
ALHAVLDLERMLGDRGFSRADIVNVAGNNGGAQALKAVLEHEATLNERGFSRADIVKIAGNGGGAQALKAVLEHEATLDE
RGFSRADIVRIAGNGGGAQALKAVLEHGPTLNERGFNLTDIVEMAANSGGAQALKAVLEHGPTLRQRGLSLIDIVEIASN
GGAQALKAVLKYGPVLMQAGRSNEEIVHVAARRGGAGRIRKMVAPLLERQGGSEFELENLYFQGELRRQASALE
;
A
2 'polydeoxyribonucleotide'
;(DT)(DT)(DA)(DA)(DG)(DA)(DG)(DA)(DA)(DG)(DC)(DA)(DA)(DA)(DT)(DA)(DC)(DG)(DT)(DT)
(DA)(DT)(DA)
;
B
3 'polydeoxyribonucleotide'
;(DT)(DA)(DT)(DA)(DA)(DC)(DG)(DT)(DA)(DT)(DT)(DT)(DG)(DC)(DT)(DT)(DC)(DT)(DC)(DT)
(DT)(DA)(DA)
;
C
#
# COMPACT_ATOMS: atom_id res chain seq x y z
N LEU A 15 -38.69 -18.00 -10.31
CA LEU A 15 -37.79 -16.97 -9.80
C LEU A 15 -38.41 -15.61 -9.95
N ASN A 16 -38.60 -14.95 -8.82
CA ASN A 16 -39.23 -13.63 -8.75
C ASN A 16 -38.19 -12.55 -9.02
N LEU A 17 -38.00 -12.24 -10.30
CA LEU A 17 -37.00 -11.24 -10.70
C LEU A 17 -37.55 -9.82 -10.50
N SER A 18 -36.83 -9.01 -9.75
CA SER A 18 -37.18 -7.60 -9.59
C SER A 18 -37.08 -6.94 -10.96
N PRO A 19 -38.04 -6.07 -11.32
CA PRO A 19 -38.02 -5.48 -12.66
C PRO A 19 -36.72 -4.73 -12.99
N LEU A 20 -35.83 -4.60 -12.02
CA LEU A 20 -34.47 -4.13 -12.27
C LEU A 20 -33.67 -5.30 -12.86
N GLU A 21 -33.76 -6.45 -12.20
CA GLU A 21 -33.08 -7.66 -12.61
C GLU A 21 -33.48 -8.14 -13.99
N ARG A 22 -34.74 -7.89 -14.35
CA ARG A 22 -35.26 -8.30 -15.64
C ARG A 22 -34.51 -7.55 -16.74
N SER A 23 -34.71 -6.24 -16.77
CA SER A 23 -34.09 -5.36 -17.73
C SER A 23 -32.59 -5.59 -17.92
N LYS A 24 -31.89 -5.96 -16.85
CA LYS A 24 -30.45 -6.24 -16.95
C LYS A 24 -30.15 -7.49 -17.80
N ILE A 25 -31.17 -8.35 -17.96
CA ILE A 25 -31.12 -9.52 -18.84
C ILE A 25 -31.60 -9.15 -20.24
N GLU A 26 -32.73 -8.45 -20.30
CA GLU A 26 -33.35 -8.05 -21.57
C GLU A 26 -32.48 -7.10 -22.41
N LYS A 27 -31.62 -6.33 -21.75
CA LYS A 27 -30.82 -5.30 -22.42
C LYS A 27 -29.63 -5.89 -23.15
N GLN A 28 -29.56 -7.21 -23.18
CA GLN A 28 -28.48 -7.90 -23.86
C GLN A 28 -28.97 -8.33 -25.23
N TYR A 29 -28.03 -8.47 -26.17
CA TYR A 29 -28.35 -8.86 -27.53
C TYR A 29 -28.83 -10.30 -27.58
N GLY A 30 -30.14 -10.49 -27.42
CA GLY A 30 -30.76 -11.81 -27.51
C GLY A 30 -31.38 -12.14 -26.17
N GLY A 31 -31.25 -11.19 -25.25
CA GLY A 31 -31.70 -11.32 -23.88
C GLY A 31 -33.19 -11.51 -23.67
N ALA A 32 -33.98 -11.15 -24.68
CA ALA A 32 -35.42 -11.38 -24.66
C ALA A 32 -35.70 -12.87 -24.77
N THR A 33 -35.00 -13.52 -25.70
CA THR A 33 -35.06 -14.96 -25.88
C THR A 33 -34.60 -15.70 -24.62
N THR A 34 -33.60 -15.15 -23.97
CA THR A 34 -33.06 -15.75 -22.78
C THR A 34 -34.06 -15.76 -21.63
N LEU A 35 -34.66 -14.61 -21.37
CA LEU A 35 -35.56 -14.44 -20.24
C LEU A 35 -36.73 -15.45 -20.32
N ALA A 36 -37.14 -15.78 -21.54
CA ALA A 36 -38.07 -16.89 -21.73
C ALA A 36 -37.42 -18.21 -21.29
N PHE A 37 -36.21 -18.45 -21.78
CA PHE A 37 -35.48 -19.71 -21.54
C PHE A 37 -35.26 -20.00 -20.06
N ILE A 38 -34.87 -19.00 -19.29
CA ILE A 38 -34.66 -19.18 -17.86
C ILE A 38 -35.97 -19.51 -17.14
N SER A 39 -37.02 -18.78 -17.49
CA SER A 39 -38.34 -18.98 -16.87
C SER A 39 -39.15 -20.05 -17.60
N ASN A 40 -38.46 -20.88 -18.37
CA ASN A 40 -39.02 -22.09 -18.94
C ASN A 40 -38.39 -23.31 -18.28
N LYS A 41 -37.06 -23.32 -18.30
CA LYS A 41 -36.28 -24.42 -17.76
C LYS A 41 -35.67 -24.10 -16.40
N GLN A 42 -36.44 -23.39 -15.56
CA GLN A 42 -36.02 -23.01 -14.21
C GLN A 42 -35.42 -24.17 -13.42
N GLN A 43 -36.15 -25.28 -13.37
CA GLN A 43 -35.83 -26.40 -12.49
C GLN A 43 -34.61 -27.21 -12.91
N GLU A 44 -34.48 -27.45 -14.21
CA GLU A 44 -33.24 -28.01 -14.75
C GLU A 44 -32.06 -27.15 -14.28
N LEU A 45 -32.05 -25.89 -14.72
CA LEU A 45 -30.97 -24.95 -14.38
C LEU A 45 -30.69 -24.93 -12.88
N ALA A 46 -31.75 -24.95 -12.09
CA ALA A 46 -31.64 -24.95 -10.62
C ALA A 46 -30.79 -26.10 -10.07
N GLN A 47 -30.63 -27.16 -10.87
CA GLN A 47 -29.90 -28.35 -10.45
C GLN A 47 -28.38 -28.19 -10.51
N ILE A 48 -27.91 -27.22 -11.30
CA ILE A 48 -26.47 -26.99 -11.43
C ILE A 48 -26.07 -25.58 -11.02
N LEU A 49 -26.96 -24.63 -11.22
CA LEU A 49 -26.64 -23.23 -10.97
C LEU A 49 -27.44 -22.64 -9.82
N SER A 50 -26.80 -21.74 -9.09
CA SER A 50 -27.52 -20.97 -8.09
C SER A 50 -28.22 -19.84 -8.82
N ARG A 51 -29.07 -19.12 -8.09
CA ARG A 51 -29.78 -17.97 -8.66
C ARG A 51 -28.76 -16.92 -9.06
N ALA A 52 -27.71 -16.77 -8.27
CA ALA A 52 -26.66 -15.84 -8.61
C ALA A 52 -25.96 -16.25 -9.91
N ASP A 53 -25.57 -17.52 -10.00
CA ASP A 53 -24.83 -18.04 -11.15
C ASP A 53 -25.61 -17.82 -12.45
N ILE A 54 -26.91 -18.12 -12.39
CA ILE A 54 -27.77 -17.93 -13.55
C ILE A 54 -27.75 -16.47 -14.01
N LEU A 55 -28.21 -15.58 -13.13
CA LEU A 55 -28.31 -14.15 -13.43
C LEU A 55 -27.00 -13.58 -13.96
N LYS A 56 -25.87 -14.12 -13.51
CA LYS A 56 -24.54 -13.72 -14.01
C LYS A 56 -24.28 -14.20 -15.43
N ILE A 57 -24.67 -15.44 -15.72
CA ILE A 57 -24.53 -15.99 -17.07
C ILE A 57 -25.43 -15.22 -18.01
N ALA A 58 -26.65 -14.94 -17.56
CA ALA A 58 -27.66 -14.23 -18.35
C ALA A 58 -27.41 -12.72 -18.48
N SER A 59 -26.30 -12.24 -17.93
CA SER A 59 -25.96 -10.84 -18.09
C SER A 59 -25.06 -10.60 -19.31
N TYR A 60 -24.83 -11.64 -20.09
CA TYR A 60 -24.02 -11.52 -21.31
C TYR A 60 -24.85 -11.70 -22.56
N ASP A 61 -24.34 -11.23 -23.69
CA ASP A 61 -25.12 -11.08 -24.93
C ASP A 61 -26.09 -12.21 -25.25
N CYS A 62 -25.57 -13.39 -25.58
CA CYS A 62 -26.46 -14.45 -26.09
C CYS A 62 -26.61 -15.64 -25.16
N ALA A 63 -26.80 -15.36 -23.87
CA ALA A 63 -26.79 -16.40 -22.83
C ALA A 63 -27.76 -17.58 -23.01
N ALA A 64 -28.74 -17.45 -23.88
CA ALA A 64 -29.66 -18.56 -24.12
C ALA A 64 -28.88 -19.81 -24.49
N HIS A 65 -27.95 -19.65 -25.43
CA HIS A 65 -27.12 -20.74 -25.90
C HIS A 65 -26.02 -21.14 -24.91
N ALA A 66 -25.64 -20.20 -24.05
CA ALA A 66 -24.65 -20.48 -23.01
C ALA A 66 -25.28 -21.28 -21.88
N LEU A 67 -26.53 -20.97 -21.57
CA LEU A 67 -27.25 -21.71 -20.54
C LEU A 67 -27.50 -23.15 -21.02
N GLN A 68 -27.82 -23.29 -22.30
CA GLN A 68 -27.97 -24.62 -22.88
C GLN A 68 -26.65 -25.38 -22.92
N ALA A 69 -25.53 -24.65 -22.90
CA ALA A 69 -24.22 -25.31 -22.95
C ALA A 69 -23.69 -25.64 -21.55
N VAL A 70 -24.39 -25.19 -20.52
CA VAL A 70 -24.07 -25.59 -19.15
C VAL A 70 -24.74 -26.93 -18.85
N LEU A 71 -25.84 -27.19 -19.55
CA LEU A 71 -26.63 -28.38 -19.30
C LEU A 71 -26.16 -29.56 -20.17
N ASP A 72 -25.25 -29.29 -21.09
CA ASP A 72 -24.74 -30.33 -21.98
C ASP A 72 -23.35 -30.74 -21.55
N CYS A 73 -22.56 -29.73 -21.21
CA CYS A 73 -21.13 -29.90 -21.01
C CYS A 73 -20.74 -29.69 -19.55
N GLY A 74 -21.57 -28.94 -18.81
CA GLY A 74 -21.36 -28.73 -17.39
C GLY A 74 -21.25 -29.98 -16.53
N PRO A 75 -22.29 -30.84 -16.52
CA PRO A 75 -22.21 -32.05 -15.68
C PRO A 75 -21.05 -32.94 -16.08
N MET A 76 -20.85 -33.11 -17.38
CA MET A 76 -19.72 -33.85 -17.93
C MET A 76 -18.40 -33.09 -17.82
N LEU A 77 -18.33 -32.08 -16.95
CA LEU A 77 -17.10 -31.35 -16.69
C LEU A 77 -16.91 -31.18 -15.20
N GLY A 78 -17.93 -31.56 -14.44
CA GLY A 78 -17.79 -31.61 -13.00
C GLY A 78 -16.90 -32.79 -12.71
N LYS A 79 -16.95 -33.78 -13.60
CA LYS A 79 -16.22 -35.03 -13.43
C LYS A 79 -14.96 -35.12 -14.29
N ARG A 80 -14.74 -34.16 -15.19
CA ARG A 80 -13.47 -34.10 -15.90
C ARG A 80 -12.44 -33.31 -15.09
N GLY A 81 -12.85 -32.82 -13.92
CA GLY A 81 -11.91 -32.20 -13.00
C GLY A 81 -12.00 -30.69 -12.87
N PHE A 82 -13.15 -30.11 -13.20
CA PHE A 82 -13.34 -28.67 -13.08
C PHE A 82 -14.25 -28.27 -11.92
N SER A 83 -14.08 -27.05 -11.41
CA SER A 83 -14.92 -26.55 -10.32
C SER A 83 -16.12 -25.78 -10.88
N GLN A 84 -17.22 -25.73 -10.12
CA GLN A 84 -18.42 -25.03 -10.59
C GLN A 84 -18.16 -23.53 -10.68
N SER A 85 -17.22 -23.05 -9.87
CA SER A 85 -16.81 -21.66 -9.93
C SER A 85 -16.13 -21.39 -11.26
N ASP A 86 -15.35 -22.34 -11.74
CA ASP A 86 -14.67 -22.20 -13.02
C ASP A 86 -15.68 -22.20 -14.14
N ILE A 87 -16.68 -23.08 -14.00
CA ILE A 87 -17.69 -23.32 -15.01
C ILE A 87 -18.43 -22.05 -15.41
N VAL A 88 -18.79 -21.28 -14.38
CA VAL A 88 -19.52 -20.02 -14.57
C VAL A 88 -18.65 -19.03 -15.31
N LYS A 89 -17.41 -18.88 -14.87
CA LYS A 89 -16.51 -17.87 -15.43
C LYS A 89 -16.25 -18.07 -16.93
N ILE A 90 -16.54 -19.28 -17.40
CA ILE A 90 -16.33 -19.59 -18.81
C ILE A 90 -17.62 -19.43 -19.60
N ALA A 91 -18.72 -19.94 -19.05
CA ALA A 91 -20.03 -19.81 -19.70
C ALA A 91 -20.54 -18.37 -19.66
N GLY A 92 -20.40 -17.72 -18.50
CA GLY A 92 -20.65 -16.29 -18.39
C GLY A 92 -19.61 -15.43 -19.11
N ASN A 93 -19.85 -15.21 -20.40
CA ASN A 93 -19.03 -14.35 -21.25
C ASN A 93 -19.53 -14.40 -22.69
N ILE A 94 -19.09 -13.43 -23.49
CA ILE A 94 -19.43 -13.42 -24.91
C ILE A 94 -18.81 -14.64 -25.60
N GLY A 95 -19.64 -15.44 -26.25
CA GLY A 95 -19.18 -16.66 -26.86
C GLY A 95 -18.85 -17.70 -25.80
N GLY A 96 -19.40 -17.52 -24.61
CA GLY A 96 -19.20 -18.46 -23.51
C GLY A 96 -19.71 -19.87 -23.79
N ALA A 97 -20.63 -20.01 -24.74
CA ALA A 97 -21.13 -21.33 -25.17
C ALA A 97 -20.17 -22.06 -26.11
N GLN A 98 -19.35 -21.32 -26.83
CA GLN A 98 -18.34 -21.89 -27.71
C GLN A 98 -17.15 -22.34 -26.87
N ALA A 99 -16.79 -21.51 -25.90
CA ALA A 99 -15.67 -21.82 -25.03
C ALA A 99 -15.96 -23.01 -24.13
N LEU A 100 -17.23 -23.32 -23.93
CA LEU A 100 -17.56 -24.40 -23.03
C LEU A 100 -17.65 -25.66 -23.86
N GLN A 101 -18.11 -25.49 -25.10
CA GLN A 101 -18.07 -26.54 -26.12
C GLN A 101 -16.63 -26.95 -26.34
N ALA A 102 -15.74 -25.97 -26.31
CA ALA A 102 -14.32 -26.21 -26.60
C ALA A 102 -13.52 -26.63 -25.36
N VAL A 103 -14.19 -27.10 -24.33
CA VAL A 103 -13.49 -27.79 -23.27
C VAL A 103 -13.77 -29.28 -23.44
N LEU A 104 -15.05 -29.63 -23.51
CA LEU A 104 -15.47 -30.97 -23.93
C LEU A 104 -14.98 -31.35 -25.34
N ASP A 105 -14.18 -30.48 -25.95
CA ASP A 105 -13.64 -30.72 -27.27
C ASP A 105 -12.18 -31.10 -27.13
N LEU A 106 -11.52 -30.52 -26.14
CA LEU A 106 -10.08 -30.71 -26.02
C LEU A 106 -9.49 -30.57 -24.62
N GLU A 107 -10.30 -30.76 -23.58
CA GLU A 107 -9.77 -30.70 -22.21
C GLU A 107 -8.73 -31.79 -21.94
N SER A 108 -8.57 -32.70 -22.92
CA SER A 108 -7.71 -33.88 -22.79
C SER A 108 -6.37 -33.75 -23.53
N MET A 109 -6.40 -33.32 -24.79
CA MET A 109 -5.17 -33.12 -25.55
C MET A 109 -4.25 -32.10 -24.88
N LEU A 110 -4.82 -31.25 -24.03
CA LEU A 110 -4.06 -30.32 -23.20
C LEU A 110 -3.61 -31.01 -21.92
N GLY A 111 -4.48 -31.85 -21.36
CA GLY A 111 -4.15 -32.65 -20.20
C GLY A 111 -3.00 -33.56 -20.54
N LYS A 112 -3.05 -34.13 -21.74
CA LYS A 112 -1.99 -34.99 -22.26
C LYS A 112 -0.72 -34.19 -22.60
N ARG A 113 -0.67 -32.93 -22.18
CA ARG A 113 0.53 -32.10 -22.38
C ARG A 113 0.88 -31.31 -21.12
N GLY A 114 0.38 -31.78 -19.98
CA GLY A 114 0.81 -31.22 -18.70
C GLY A 114 0.19 -29.90 -18.34
N PHE A 115 -1.03 -29.67 -18.79
CA PHE A 115 -1.78 -28.46 -18.43
C PHE A 115 -2.76 -28.73 -17.29
N SER A 116 -2.75 -27.84 -16.30
CA SER A 116 -3.62 -27.96 -15.15
C SER A 116 -5.08 -27.79 -15.54
N ARG A 117 -5.95 -27.77 -14.55
CA ARG A 117 -7.36 -27.45 -14.79
C ARG A 117 -7.53 -25.94 -14.69
N ASP A 118 -6.93 -25.35 -13.66
CA ASP A 118 -6.83 -23.90 -13.55
C ASP A 118 -6.14 -23.34 -14.79
N ASP A 119 -5.23 -24.12 -15.36
CA ASP A 119 -4.51 -23.73 -16.56
C ASP A 119 -5.44 -23.62 -17.77
N ILE A 120 -6.25 -24.64 -17.97
CA ILE A 120 -7.19 -24.66 -19.08
C ILE A 120 -8.32 -23.65 -18.84
N ALA A 121 -8.76 -23.56 -17.59
CA ALA A 121 -9.76 -22.60 -17.18
C ALA A 121 -9.30 -21.18 -17.46
N LYS A 122 -8.03 -20.91 -17.18
CA LYS A 122 -7.46 -19.57 -17.35
C LYS A 122 -7.38 -19.13 -18.81
N MET A 123 -7.35 -20.08 -19.74
CA MET A 123 -7.33 -19.74 -21.15
C MET A 123 -8.75 -19.47 -21.67
N ALA A 124 -9.69 -20.33 -21.28
CA ALA A 124 -11.07 -20.24 -21.75
C ALA A 124 -11.91 -19.12 -21.08
N GLY A 125 -11.55 -18.74 -19.85
CA GLY A 125 -12.27 -17.72 -19.12
C GLY A 125 -12.09 -16.26 -19.51
N ASN A 126 -11.98 -15.99 -20.80
CA ASN A 126 -12.13 -14.64 -21.36
C ASN A 126 -12.80 -14.76 -22.73
N ILE A 127 -13.07 -13.64 -23.38
CA ILE A 127 -13.66 -13.67 -24.72
C ILE A 127 -12.74 -14.30 -25.75
N GLY A 128 -13.29 -15.17 -26.59
CA GLY A 128 -12.55 -15.79 -27.66
C GLY A 128 -11.91 -17.09 -27.22
N GLY A 129 -11.95 -17.30 -25.91
CA GLY A 129 -11.53 -18.53 -25.25
C GLY A 129 -11.47 -19.84 -26.03
N ALA A 130 -12.41 -20.03 -26.95
CA ALA A 130 -12.45 -21.27 -27.72
C ALA A 130 -11.31 -21.38 -28.72
N GLN A 131 -11.20 -20.41 -29.62
CA GLN A 131 -10.16 -20.46 -30.62
C GLN A 131 -8.80 -20.00 -30.08
N THR A 132 -8.73 -19.66 -28.79
CA THR A 132 -7.41 -19.53 -28.16
C THR A 132 -6.92 -20.88 -27.66
N LEU A 133 -7.82 -21.67 -27.06
CA LEU A 133 -7.48 -23.04 -26.66
C LEU A 133 -6.87 -23.81 -27.83
N GLN A 134 -7.46 -23.68 -29.01
CA GLN A 134 -6.95 -24.37 -30.20
C GLN A 134 -5.78 -23.65 -30.82
N ALA A 135 -5.42 -22.49 -30.30
CA ALA A 135 -4.21 -21.82 -30.73
C ALA A 135 -3.04 -22.29 -29.84
N VAL A 136 -3.36 -22.65 -28.60
CA VAL A 136 -2.37 -23.25 -27.70
C VAL A 136 -2.02 -24.64 -28.21
N LEU A 137 -3.06 -25.38 -28.61
CA LEU A 137 -2.94 -26.75 -29.10
C LEU A 137 -1.97 -26.85 -30.28
N ASP A 138 -1.76 -25.75 -30.98
CA ASP A 138 -0.98 -25.78 -32.21
C ASP A 138 0.44 -25.25 -31.98
N LEU A 139 0.54 -24.24 -31.12
CA LEU A 139 1.83 -23.64 -30.83
C LEU A 139 2.25 -23.96 -29.39
N GLU A 140 2.12 -25.22 -29.02
CA GLU A 140 2.71 -25.70 -27.78
C GLU A 140 4.08 -26.24 -28.17
N SER A 141 4.25 -26.44 -29.48
CA SER A 141 5.49 -26.94 -30.05
C SER A 141 6.35 -25.82 -30.66
N ALA A 142 5.73 -24.69 -30.98
CA ALA A 142 6.47 -23.55 -31.54
C ALA A 142 6.85 -22.53 -30.46
N PHE A 143 6.18 -22.59 -29.31
CA PHE A 143 6.60 -21.83 -28.12
C PHE A 143 7.59 -22.71 -27.35
N ARG A 144 7.75 -23.93 -27.83
CA ARG A 144 8.56 -24.94 -27.16
C ARG A 144 10.02 -24.79 -27.54
N GLU A 145 10.32 -25.04 -28.81
CA GLU A 145 11.66 -24.89 -29.36
C GLU A 145 11.87 -23.42 -29.68
N ARG A 146 11.55 -22.56 -28.72
CA ARG A 146 11.60 -21.13 -28.89
C ARG A 146 12.07 -20.50 -27.59
N GLY A 147 12.30 -21.34 -26.59
CA GLY A 147 12.66 -20.90 -25.26
C GLY A 147 11.47 -20.81 -24.31
N PHE A 148 10.28 -20.54 -24.86
CA PHE A 148 9.11 -20.23 -24.03
C PHE A 148 8.60 -21.41 -23.21
N SER A 149 8.33 -21.14 -21.94
CA SER A 149 7.81 -22.15 -21.03
C SER A 149 6.32 -22.38 -21.28
N GLN A 150 5.82 -23.47 -20.71
CA GLN A 150 4.40 -23.81 -20.75
C GLN A 150 3.65 -22.75 -19.97
N ALA A 151 4.26 -22.31 -18.87
CA ALA A 151 3.70 -21.29 -18.00
C ALA A 151 3.49 -19.99 -18.77
N ASP A 152 4.47 -19.65 -19.60
CA ASP A 152 4.44 -18.43 -20.39
C ASP A 152 3.17 -18.37 -21.22
N ILE A 153 3.00 -19.37 -22.04
CA ILE A 153 1.81 -19.59 -22.84
C ILE A 153 0.49 -19.23 -22.15
N VAL A 154 0.34 -19.62 -20.89
CA VAL A 154 -0.91 -19.39 -20.18
C VAL A 154 -1.12 -17.92 -19.87
N LYS A 155 -0.11 -17.29 -19.28
CA LYS A 155 -0.19 -15.88 -18.89
C LYS A 155 -0.56 -15.00 -20.08
N ILE A 156 0.13 -15.21 -21.19
CA ILE A 156 -0.16 -14.52 -22.44
C ILE A 156 -1.61 -14.75 -22.88
N ALA A 157 -2.09 -15.98 -22.71
CA ALA A 157 -3.39 -16.39 -23.21
C ALA A 157 -4.54 -16.12 -22.23
N GLY A 158 -4.24 -15.54 -21.08
CA GLY A 158 -5.24 -15.32 -20.05
C GLY A 158 -5.88 -13.95 -20.12
N ASN A 159 -6.17 -13.52 -21.34
CA ASN A 159 -6.77 -12.22 -21.59
C ASN A 159 -7.71 -12.38 -22.79
N ASN A 160 -8.51 -11.37 -23.10
CA ASN A 160 -9.50 -11.52 -24.14
C ASN A 160 -8.83 -11.70 -25.49
N GLY A 161 -9.05 -12.85 -26.11
CA GLY A 161 -8.53 -13.11 -27.45
C GLY A 161 -7.02 -13.27 -27.49
N GLY A 162 -6.48 -14.04 -26.54
CA GLY A 162 -5.03 -14.26 -26.49
C GLY A 162 -4.46 -15.14 -27.59
N ALA A 163 -5.31 -15.65 -28.47
CA ALA A 163 -4.85 -16.39 -29.64
C ALA A 163 -4.17 -15.44 -30.62
N GLN A 164 -4.64 -14.19 -30.65
CA GLN A 164 -3.99 -13.16 -31.42
C GLN A 164 -2.62 -12.90 -30.80
N ALA A 165 -2.60 -12.89 -29.48
CA ALA A 165 -1.40 -12.63 -28.71
C ALA A 165 -0.35 -13.71 -28.95
N LEU A 166 -0.79 -14.97 -28.91
CA LEU A 166 0.08 -16.10 -29.18
C LEU A 166 0.63 -16.06 -30.59
N TYR A 167 -0.26 -15.96 -31.58
CA TYR A 167 0.15 -16.03 -32.97
C TYR A 167 1.07 -14.89 -33.35
N SER A 168 1.09 -13.85 -32.53
CA SER A 168 1.84 -12.64 -32.81
C SER A 168 3.13 -12.51 -32.01
N VAL A 169 3.15 -13.08 -30.80
CA VAL A 169 4.40 -13.16 -30.04
C VAL A 169 5.44 -13.93 -30.86
N LEU A 170 5.01 -15.03 -31.47
CA LEU A 170 5.85 -15.82 -32.34
C LEU A 170 6.41 -15.01 -33.50
N ASP A 171 5.77 -13.88 -33.80
CA ASP A 171 6.11 -13.11 -34.99
C ASP A 171 6.98 -11.89 -34.69
N VAL A 172 6.86 -11.35 -33.49
CA VAL A 172 7.64 -10.17 -33.13
C VAL A 172 8.83 -10.54 -32.28
N GLU A 173 8.78 -11.70 -31.63
CA GLU A 173 9.90 -12.14 -30.77
C GLU A 173 11.27 -12.21 -31.46
N PRO A 174 11.35 -12.82 -32.67
CA PRO A 174 12.64 -12.86 -33.35
C PRO A 174 13.24 -11.47 -33.52
N THR A 175 12.46 -10.54 -34.05
CA THR A 175 12.95 -9.21 -34.38
C THR A 175 13.28 -8.32 -33.17
N LEU A 176 12.60 -8.51 -32.04
CA LEU A 176 12.92 -7.73 -30.85
C LEU A 176 13.51 -8.53 -29.67
N GLY A 177 13.76 -9.81 -29.92
CA GLY A 177 14.64 -10.58 -29.05
C GLY A 177 16.03 -9.96 -29.19
N LYS A 178 16.45 -9.76 -30.43
CA LYS A 178 17.73 -9.08 -30.70
C LYS A 178 17.64 -7.54 -30.65
N ARG A 179 16.76 -7.00 -29.81
CA ARG A 179 16.61 -5.55 -29.72
C ARG A 179 16.51 -5.01 -28.30
N GLY A 180 17.07 -5.73 -27.33
CA GLY A 180 17.19 -5.23 -25.98
C GLY A 180 15.98 -5.53 -25.12
N PHE A 181 15.20 -6.53 -25.53
CA PHE A 181 13.98 -6.90 -24.84
C PHE A 181 14.05 -8.34 -24.33
N SER A 182 13.96 -8.49 -23.02
CA SER A 182 13.97 -9.81 -22.38
C SER A 182 12.82 -10.68 -22.87
N ARG A 183 12.91 -11.98 -22.64
CA ARG A 183 11.77 -12.84 -22.90
C ARG A 183 10.67 -12.55 -21.88
N ALA A 184 11.05 -12.08 -20.70
CA ALA A 184 10.07 -11.67 -19.70
C ALA A 184 9.84 -10.15 -19.76
N ASP A 185 9.98 -9.60 -20.96
CA ASP A 185 9.50 -8.25 -21.28
C ASP A 185 8.46 -8.49 -22.34
N ILE A 186 8.78 -9.43 -23.22
CA ILE A 186 7.87 -9.87 -24.27
C ILE A 186 6.58 -10.41 -23.66
N VAL A 187 6.73 -11.02 -22.49
CA VAL A 187 5.59 -11.61 -21.82
C VAL A 187 4.79 -10.54 -21.07
N LYS A 188 5.49 -9.58 -20.50
CA LYS A 188 4.81 -8.44 -19.85
C LYS A 188 3.88 -7.72 -20.84
N ILE A 189 4.35 -7.62 -22.08
CA ILE A 189 3.66 -6.84 -23.11
C ILE A 189 2.45 -7.57 -23.65
N ALA A 190 2.59 -8.86 -23.88
CA ALA A 190 1.50 -9.64 -24.48
C ALA A 190 0.53 -10.21 -23.45
N GLY A 191 0.84 -10.03 -22.17
CA GLY A 191 0.01 -10.53 -21.09
C GLY A 191 -1.06 -9.54 -20.68
N ASN A 192 -1.83 -9.08 -21.67
CA ASN A 192 -2.85 -8.05 -21.49
C ASN A 192 -3.84 -8.10 -22.63
N THR A 193 -5.11 -7.86 -22.33
CA THR A 193 -6.12 -7.70 -23.37
C THR A 193 -5.60 -6.76 -24.46
N GLY A 194 -5.62 -7.24 -25.71
CA GLY A 194 -5.16 -6.46 -26.83
C GLY A 194 -3.66 -6.33 -26.78
N GLY A 195 -2.99 -7.47 -26.79
CA GLY A 195 -1.53 -7.53 -26.69
C GLY A 195 -0.86 -7.65 -28.05
N ALA A 196 -1.58 -8.24 -28.99
CA ALA A 196 -1.14 -8.28 -30.38
C ALA A 196 -0.80 -6.87 -30.84
N GLN A 197 -1.73 -5.94 -30.59
CA GLN A 197 -1.53 -4.53 -30.89
C GLN A 197 -0.26 -4.04 -30.21
N ALA A 198 -0.21 -4.24 -28.89
CA ALA A 198 0.95 -3.88 -28.08
C ALA A 198 2.31 -4.28 -28.69
N LEU A 199 2.47 -5.56 -29.02
CA LEU A 199 3.72 -6.02 -29.64
C LEU A 199 3.95 -5.34 -30.99
N HIS A 200 2.99 -5.48 -31.91
CA HIS A 200 3.13 -4.95 -33.26
C HIS A 200 3.36 -3.45 -33.28
N THR A 201 2.98 -2.78 -32.19
CA THR A 201 3.13 -1.34 -32.09
C THR A 201 4.54 -1.00 -31.59
N VAL A 202 5.10 -1.89 -30.76
CA VAL A 202 6.48 -1.79 -30.31
C VAL A 202 7.45 -2.05 -31.47
N LEU A 203 7.30 -3.19 -32.12
CA LEU A 203 8.13 -3.58 -33.26
C LEU A 203 8.25 -2.46 -34.31
N ASP A 204 7.35 -1.50 -34.28
CA ASP A 204 7.38 -0.39 -35.22
C ASP A 204 7.67 0.94 -34.53
N LEU A 205 7.72 0.96 -33.21
CA LEU A 205 7.91 2.24 -32.51
C LEU A 205 9.10 2.35 -31.55
N GLU A 206 9.60 1.23 -31.02
CA GLU A 206 10.80 1.32 -30.17
C GLU A 206 12.05 1.95 -30.83
N PRO A 207 12.21 1.85 -32.16
CA PRO A 207 13.29 2.66 -32.74
C PRO A 207 13.08 4.17 -32.59
N ALA A 208 11.90 4.64 -32.95
CA ALA A 208 11.60 6.08 -32.88
C ALA A 208 11.60 6.60 -31.44
N LEU A 209 11.45 5.67 -30.48
CA LEU A 209 11.35 6.03 -29.07
C LEU A 209 12.71 6.08 -28.37
N GLY A 210 13.61 5.19 -28.78
CA GLY A 210 14.98 5.23 -28.33
C GLY A 210 15.60 6.54 -28.76
N LYS A 211 15.36 6.93 -30.01
CA LYS A 211 15.83 8.20 -30.53
C LYS A 211 15.03 9.40 -30.02
N ARG A 212 14.40 9.26 -28.86
CA ARG A 212 13.72 10.38 -28.22
C ARG A 212 14.00 10.35 -26.72
N GLY A 213 14.94 9.49 -26.35
CA GLY A 213 15.45 9.46 -24.99
C GLY A 213 14.71 8.54 -24.04
N PHE A 214 13.80 7.72 -24.57
CA PHE A 214 13.00 6.81 -23.74
C PHE A 214 13.70 5.47 -23.49
N SER A 215 13.92 5.15 -22.22
CA SER A 215 14.66 3.94 -21.87
C SER A 215 13.91 2.69 -22.30
N ARG A 216 14.58 1.54 -22.27
CA ARG A 216 13.95 0.29 -22.69
C ARG A 216 12.94 -0.16 -21.65
N ILE A 217 13.28 0.05 -20.38
CA ILE A 217 12.37 -0.29 -19.29
C ILE A 217 11.08 0.54 -19.39
N ASP A 218 11.22 1.80 -19.77
CA ASP A 218 10.08 2.71 -19.91
C ASP A 218 9.14 2.23 -21.02
N ILE A 219 9.73 1.84 -22.15
CA ILE A 219 8.96 1.32 -23.28
C ILE A 219 8.14 0.11 -22.86
N VAL A 220 8.73 -0.73 -22.00
CA VAL A 220 8.05 -1.89 -21.46
C VAL A 220 6.81 -1.52 -20.63
N LYS A 221 7.00 -0.59 -19.69
CA LYS A 221 5.93 -0.14 -18.80
C LYS A 221 4.80 0.54 -19.55
N ILE A 222 5.16 1.39 -20.51
CA ILE A 222 4.15 2.09 -21.30
C ILE A 222 3.31 1.08 -22.07
N ALA A 223 3.94 0.00 -22.51
CA ALA A 223 3.30 -0.98 -23.39
C ALA A 223 2.58 -2.10 -22.66
N ALA A 224 2.94 -2.35 -21.41
CA ALA A 224 2.45 -3.50 -20.66
C ALA A 224 1.19 -3.22 -19.84
N ASN A 225 0.25 -2.54 -20.49
CA ASN A 225 -1.07 -2.38 -19.94
C ASN A 225 -2.05 -2.63 -21.05
N ASN A 226 -3.30 -2.87 -20.68
CA ASN A 226 -4.41 -2.75 -21.62
C ASN A 226 -4.30 -1.49 -22.45
N GLY A 227 -4.43 -1.63 -23.77
CA GLY A 227 -4.33 -0.48 -24.64
C GLY A 227 -2.94 0.12 -24.63
N GLY A 228 -1.93 -0.76 -24.57
CA GLY A 228 -0.55 -0.32 -24.59
C GLY A 228 -0.20 0.32 -25.92
N ALA A 229 -0.78 -0.19 -27.00
CA ALA A 229 -0.52 0.36 -28.32
C ALA A 229 -0.95 1.83 -28.48
N GLN A 230 -2.03 2.22 -27.81
CA GLN A 230 -2.57 3.58 -27.94
C GLN A 230 -1.69 4.52 -27.15
N ALA A 231 -1.29 4.04 -25.99
CA ALA A 231 -0.36 4.75 -25.15
C ALA A 231 0.96 5.02 -25.90
N LEU A 232 1.41 4.03 -26.66
CA LEU A 232 2.66 4.11 -27.40
C LEU A 232 2.65 5.16 -28.54
N HIS A 233 1.55 5.27 -29.28
CA HIS A 233 1.46 6.31 -30.30
C HIS A 233 1.32 7.67 -29.63
N ALA A 234 0.55 7.73 -28.55
CA ALA A 234 0.30 8.97 -27.84
C ALA A 234 1.59 9.63 -27.38
N VAL A 235 2.63 8.83 -27.16
CA VAL A 235 3.93 9.38 -26.80
C VAL A 235 4.59 10.04 -28.02
N LEU A 236 4.52 9.38 -29.17
CA LEU A 236 5.05 9.93 -30.41
C LEU A 236 4.20 11.06 -30.96
N ASP A 237 3.05 11.30 -30.35
CA ASP A 237 2.14 12.32 -30.85
C ASP A 237 2.12 13.56 -29.97
N LEU A 238 1.99 13.35 -28.67
CA LEU A 238 1.81 14.47 -27.75
C LEU A 238 3.05 14.65 -26.87
N GLY A 239 4.03 13.76 -27.06
CA GLY A 239 5.26 13.77 -26.28
C GLY A 239 5.95 15.12 -26.23
N PRO A 240 6.59 15.53 -27.34
CA PRO A 240 7.30 16.80 -27.47
C PRO A 240 6.48 18.00 -27.01
N THR A 241 5.21 18.02 -27.40
CA THR A 241 4.31 19.11 -27.06
C THR A 241 4.05 19.19 -25.56
N LEU A 242 4.18 18.05 -24.88
CA LEU A 242 4.00 18.02 -23.44
C LEU A 242 5.23 18.56 -22.73
N ARG A 243 6.39 18.36 -23.35
CA ARG A 243 7.65 18.80 -22.78
C ARG A 243 7.72 20.32 -22.75
N GLU A 244 7.25 20.96 -23.82
CA GLU A 244 7.23 22.41 -23.86
C GLU A 244 6.07 23.01 -23.07
N CYS A 245 5.69 22.33 -22.00
CA CYS A 245 4.66 22.83 -21.08
C CYS A 245 5.20 22.84 -19.66
N GLY A 246 6.23 22.04 -19.41
CA GLY A 246 6.86 21.97 -18.11
C GLY A 246 6.92 20.55 -17.56
N PHE A 247 6.82 19.59 -18.47
CA PHE A 247 6.72 18.17 -18.12
C PHE A 247 7.94 17.36 -18.54
N SER A 248 8.51 16.62 -17.58
CA SER A 248 9.67 15.77 -17.82
C SER A 248 9.38 14.56 -18.72
N GLN A 249 10.43 13.93 -19.25
CA GLN A 249 10.27 12.66 -19.95
C GLN A 249 10.08 11.55 -18.94
N ALA A 250 10.53 11.80 -17.71
CA ALA A 250 10.24 10.89 -16.62
C ALA A 250 8.75 10.93 -16.34
N THR A 251 8.25 12.15 -16.11
CA THR A 251 6.85 12.40 -15.79
C THR A 251 5.91 11.93 -16.90
N ILE A 252 6.32 12.12 -18.16
CA ILE A 252 5.54 11.71 -19.31
C ILE A 252 5.34 10.19 -19.36
N ALA A 253 6.40 9.44 -19.09
CA ALA A 253 6.33 8.00 -19.15
C ALA A 253 5.65 7.42 -17.91
N LYS A 254 5.45 8.23 -16.88
CA LYS A 254 4.73 7.74 -15.69
C LYS A 254 3.22 7.83 -15.92
N ILE A 255 2.82 8.88 -16.65
CA ILE A 255 1.42 9.10 -17.02
C ILE A 255 0.95 8.02 -17.98
N ALA A 256 1.77 7.76 -19.01
CA ALA A 256 1.44 6.79 -20.05
C ALA A 256 1.66 5.35 -19.58
N GLY A 257 2.26 5.18 -18.41
CA GLY A 257 2.63 3.86 -17.93
C GLY A 257 1.46 3.14 -17.28
N ASN A 258 0.26 3.68 -17.48
CA ASN A 258 -0.96 3.13 -16.91
C ASN A 258 -2.03 2.80 -17.95
N ILE A 259 -3.14 2.20 -17.49
CA ILE A 259 -4.26 1.94 -18.37
C ILE A 259 -4.93 3.24 -18.76
N GLY A 260 -4.84 3.59 -20.02
CA GLY A 260 -5.44 4.81 -20.51
C GLY A 260 -4.46 5.97 -20.50
N GLY A 261 -3.18 5.63 -20.56
CA GLY A 261 -2.14 6.63 -20.68
C GLY A 261 -2.41 7.55 -21.85
N ALA A 262 -2.87 6.98 -22.97
CA ALA A 262 -3.18 7.80 -24.13
C ALA A 262 -4.31 8.77 -23.82
N GLN A 263 -5.12 8.44 -22.83
CA GLN A 263 -6.25 9.28 -22.45
C GLN A 263 -5.81 10.29 -21.37
N ALA A 264 -4.87 9.90 -20.52
CA ALA A 264 -4.31 10.79 -19.50
C ALA A 264 -3.41 11.90 -20.10
N LEU A 265 -2.50 11.53 -20.99
CA LEU A 265 -1.71 12.49 -21.75
C LEU A 265 -2.59 13.53 -22.44
N GLN A 266 -3.48 13.06 -23.31
CA GLN A 266 -4.36 13.95 -24.07
C GLN A 266 -5.16 14.87 -23.15
N MET A 267 -5.55 14.35 -21.99
CA MET A 267 -6.36 15.11 -21.05
C MET A 267 -5.54 16.15 -20.30
N VAL A 268 -4.24 15.92 -20.20
CA VAL A 268 -3.35 16.89 -19.58
C VAL A 268 -3.31 18.16 -20.45
N LEU A 269 -3.04 17.98 -21.74
CA LEU A 269 -3.04 19.08 -22.69
C LEU A 269 -4.35 19.85 -22.65
N ASP A 270 -5.44 19.16 -22.94
CA ASP A 270 -6.76 19.79 -22.97
C ASP A 270 -7.10 20.55 -21.68
N LEU A 271 -6.63 20.04 -20.55
CA LEU A 271 -7.07 20.55 -19.24
C LEU A 271 -6.02 21.25 -18.38
N GLY A 272 -4.75 20.91 -18.60
CA GLY A 272 -3.64 21.46 -17.82
C GLY A 272 -3.59 22.97 -17.67
N PRO A 273 -3.61 23.70 -18.79
CA PRO A 273 -3.55 25.17 -18.69
C PRO A 273 -4.81 25.80 -18.09
N ALA A 274 -5.91 25.06 -18.00
CA ALA A 274 -7.11 25.56 -17.34
C ALA A 274 -7.05 25.26 -15.85
N LEU A 275 -6.38 24.16 -15.52
CA LEU A 275 -6.14 23.78 -14.13
C LEU A 275 -4.96 24.58 -13.57
N GLY A 276 -4.03 24.92 -14.45
CA GLY A 276 -2.84 25.66 -14.07
C GLY A 276 -3.14 27.13 -13.81
N LYS A 277 -4.41 27.50 -13.94
CA LYS A 277 -4.86 28.84 -13.64
C LYS A 277 -5.88 28.82 -12.51
N ARG A 278 -6.26 27.62 -12.08
CA ARG A 278 -7.17 27.51 -10.95
C ARG A 278 -6.37 27.26 -9.69
N GLY A 279 -5.05 27.24 -9.87
CA GLY A 279 -4.11 27.08 -8.77
C GLY A 279 -3.26 25.84 -8.91
N PHE A 280 -3.76 24.84 -9.61
CA PHE A 280 -3.13 23.53 -9.65
C PHE A 280 -1.74 23.53 -10.31
N SER A 281 -0.74 23.32 -9.46
CA SER A 281 0.63 23.16 -9.93
C SER A 281 0.72 22.01 -10.89
N GLN A 282 1.61 22.13 -11.87
CA GLN A 282 1.79 21.10 -12.89
C GLN A 282 2.23 19.76 -12.29
N ALA A 283 2.92 19.81 -11.15
CA ALA A 283 3.31 18.56 -10.51
C ALA A 283 2.10 17.90 -9.83
N THR A 284 1.19 18.72 -9.30
CA THR A 284 -0.03 18.20 -8.67
C THR A 284 -0.94 17.56 -9.71
N ILE A 285 -1.17 18.31 -10.79
CA ILE A 285 -1.95 17.85 -11.93
C ILE A 285 -1.50 16.49 -12.44
N ALA A 286 -0.20 16.34 -12.69
CA ALA A 286 0.34 15.07 -13.19
C ALA A 286 0.12 13.95 -12.18
N LYS A 287 0.28 14.28 -10.90
CA LYS A 287 0.13 13.30 -9.84
C LYS A 287 -1.29 12.74 -9.83
N ILE A 288 -2.22 13.53 -10.35
CA ILE A 288 -3.62 13.14 -10.48
C ILE A 288 -3.81 12.38 -11.78
N ALA A 289 -3.10 12.83 -12.82
CA ALA A 289 -3.15 12.23 -14.16
C ALA A 289 -2.35 10.94 -14.23
N GLY A 290 -1.67 10.60 -13.14
CA GLY A 290 -0.70 9.51 -13.16
C GLY A 290 -1.20 8.17 -12.67
N ASN A 291 -2.53 8.00 -12.61
CA ASN A 291 -3.13 6.73 -12.24
C ASN A 291 -3.99 6.15 -13.37
N ILE A 292 -4.59 5.00 -13.12
CA ILE A 292 -5.57 4.43 -14.02
C ILE A 292 -6.79 5.34 -14.00
N GLY A 293 -7.30 5.69 -15.18
CA GLY A 293 -8.41 6.61 -15.27
C GLY A 293 -8.01 8.04 -14.96
N GLY A 294 -6.72 8.32 -15.07
CA GLY A 294 -6.17 9.64 -14.84
C GLY A 294 -6.89 10.71 -15.67
N ALA A 295 -7.34 10.30 -16.85
CA ALA A 295 -8.16 11.14 -17.69
C ALA A 295 -9.48 11.47 -16.99
N GLN A 296 -10.04 10.51 -16.27
CA GLN A 296 -11.33 10.75 -15.62
C GLN A 296 -11.18 11.69 -14.43
N ALA A 297 -10.17 11.42 -13.60
CA ALA A 297 -9.88 12.27 -12.44
C ALA A 297 -9.72 13.70 -12.87
N LEU A 298 -8.89 13.92 -13.89
CA LEU A 298 -8.61 15.26 -14.39
C LEU A 298 -9.91 15.99 -14.72
N GLN A 299 -10.74 15.38 -15.56
CA GLN A 299 -12.01 15.98 -15.95
C GLN A 299 -12.91 16.24 -14.73
N THR A 300 -12.92 15.30 -13.78
CA THR A 300 -13.75 15.41 -12.59
C THR A 300 -13.28 16.52 -11.64
N VAL A 301 -11.97 16.59 -11.41
CA VAL A 301 -11.37 17.66 -10.59
C VAL A 301 -11.80 19.06 -11.06
N LEU A 302 -11.65 19.28 -12.36
CA LEU A 302 -12.00 20.56 -12.97
C LEU A 302 -13.51 20.85 -12.90
N ASP A 303 -14.31 19.81 -12.70
CA ASP A 303 -15.76 19.96 -12.67
C ASP A 303 -16.35 19.83 -11.26
N LEU A 304 -15.50 19.74 -10.25
CA LEU A 304 -15.99 19.65 -8.87
C LEU A 304 -15.21 20.52 -7.91
N GLU A 305 -14.25 21.28 -8.45
CA GLU A 305 -13.49 22.24 -7.64
C GLU A 305 -14.35 23.19 -6.80
N PRO A 306 -15.38 23.83 -7.39
CA PRO A 306 -16.00 24.87 -6.57
C PRO A 306 -16.95 24.29 -5.52
N ALA A 307 -17.78 23.33 -5.92
CA ALA A 307 -18.72 22.71 -5.01
C ALA A 307 -17.97 22.12 -3.83
N LEU A 308 -16.71 21.78 -4.07
CA LEU A 308 -15.80 21.29 -3.03
C LEU A 308 -14.99 22.41 -2.35
N CYS A 309 -14.59 23.42 -3.12
CA CYS A 309 -13.93 24.61 -2.54
C CYS A 309 -14.88 25.32 -1.57
N GLU A 310 -16.17 25.04 -1.69
CA GLU A 310 -17.19 25.65 -0.83
C GLU A 310 -17.70 24.71 0.24
N ARG A 311 -16.91 23.72 0.63
CA ARG A 311 -17.31 22.81 1.70
C ARG A 311 -16.17 22.60 2.69
N GLY A 312 -15.06 23.28 2.47
CA GLY A 312 -13.94 23.23 3.39
C GLY A 312 -12.76 22.43 2.86
N PHE A 313 -12.84 22.02 1.60
CA PHE A 313 -11.76 21.25 0.99
C PHE A 313 -10.72 22.13 0.31
N SER A 314 -9.52 22.15 0.88
CA SER A 314 -8.38 22.81 0.27
C SER A 314 -7.98 22.03 -0.96
N GLN A 315 -7.53 22.73 -1.99
CA GLN A 315 -7.20 22.09 -3.25
C GLN A 315 -5.94 21.20 -3.20
N ALA A 316 -5.26 21.17 -2.05
CA ALA A 316 -4.25 20.14 -1.81
C ALA A 316 -4.98 18.89 -1.33
N THR A 317 -6.09 19.10 -0.64
CA THR A 317 -6.90 18.01 -0.13
C THR A 317 -7.72 17.39 -1.26
N ILE A 318 -8.22 18.25 -2.15
CA ILE A 318 -8.95 17.81 -3.34
C ILE A 318 -8.05 16.95 -4.22
N ALA A 319 -6.81 17.39 -4.37
CA ALA A 319 -5.84 16.71 -5.22
C ALA A 319 -5.40 15.36 -4.65
N LYS A 320 -5.69 15.13 -3.37
CA LYS A 320 -5.37 13.83 -2.77
C LYS A 320 -6.42 12.81 -3.22
N MET A 321 -7.67 13.13 -2.93
CA MET A 321 -8.83 12.31 -3.32
C MET A 321 -8.87 11.97 -4.81
N ALA A 322 -8.40 12.89 -5.63
CA ALA A 322 -8.31 12.65 -7.07
C ALA A 322 -7.09 11.83 -7.45
N GLY A 323 -6.07 11.83 -6.58
CA GLY A 323 -4.78 11.25 -6.94
C GLY A 323 -4.60 9.76 -6.69
N ASN A 324 -5.68 9.00 -6.78
CA ASN A 324 -5.62 7.56 -6.67
C ASN A 324 -6.41 6.93 -7.81
N ASN A 325 -6.39 5.61 -7.87
CA ASN A 325 -7.26 4.85 -8.76
C ASN A 325 -8.73 5.21 -8.53
N GLY A 326 -9.46 5.39 -9.63
CA GLY A 326 -10.87 5.73 -9.53
C GLY A 326 -11.14 6.94 -8.66
N GLY A 327 -10.25 7.92 -8.73
CA GLY A 327 -10.42 9.16 -7.98
C GLY A 327 -11.60 9.97 -8.46
N ALA A 328 -11.87 9.93 -9.76
CA ALA A 328 -13.05 10.56 -10.32
C ALA A 328 -14.31 10.12 -9.57
N GLN A 329 -14.33 8.87 -9.11
CA GLN A 329 -15.49 8.37 -8.41
C GLN A 329 -15.43 8.76 -6.94
N ALA A 330 -14.22 9.02 -6.47
CA ALA A 330 -14.03 9.47 -5.09
C ALA A 330 -14.54 10.91 -4.89
N LEU A 331 -14.12 11.82 -5.78
CA LEU A 331 -14.56 13.21 -5.73
C LEU A 331 -16.09 13.34 -5.72
N GLN A 332 -16.79 12.52 -6.50
CA GLN A 332 -18.26 12.61 -6.56
C GLN A 332 -18.92 12.04 -5.33
N THR A 333 -18.51 10.84 -4.92
CA THR A 333 -19.11 10.23 -3.73
C THR A 333 -18.90 11.10 -2.47
N VAL A 334 -17.85 11.94 -2.48
CA VAL A 334 -17.64 12.90 -1.39
C VAL A 334 -18.50 14.16 -1.57
N LEU A 335 -18.69 14.60 -2.80
CA LEU A 335 -19.51 15.76 -3.10
C LEU A 335 -20.92 15.54 -2.59
N ASP A 336 -21.39 14.31 -2.71
CA ASP A 336 -22.75 13.95 -2.36
C ASP A 336 -22.90 13.53 -0.91
N LEU A 337 -21.86 12.90 -0.35
CA LEU A 337 -21.99 12.29 0.99
C LEU A 337 -21.21 12.98 2.12
N GLU A 338 -20.52 14.07 1.80
CA GLU A 338 -19.95 14.93 2.86
C GLU A 338 -21.06 15.60 3.67
N PRO A 339 -22.13 16.08 3.01
CA PRO A 339 -23.25 16.51 3.85
C PRO A 339 -23.69 15.45 4.86
N ALA A 340 -23.99 14.23 4.40
CA ALA A 340 -24.52 13.21 5.30
C ALA A 340 -23.57 12.84 6.44
N LEU A 341 -22.33 12.48 6.11
CA LEU A 341 -21.38 12.03 7.11
C LEU A 341 -20.93 13.15 8.07
N ARG A 342 -21.04 14.40 7.62
CA ARG A 342 -20.82 15.54 8.50
C ARG A 342 -22.05 15.80 9.38
N LYS A 343 -23.22 15.36 8.92
CA LYS A 343 -24.43 15.41 9.75
C LYS A 343 -24.47 14.19 10.65
N ARG A 344 -23.53 13.30 10.39
CA ARG A 344 -23.12 12.27 11.33
C ARG A 344 -21.93 12.90 12.04
N ASP A 345 -21.16 12.13 12.79
CA ASP A 345 -20.15 12.72 13.65
C ASP A 345 -18.73 12.71 13.07
N PHE A 346 -18.62 12.84 11.75
CA PHE A 346 -17.32 12.70 11.09
C PHE A 346 -16.71 14.04 10.72
N ARG A 347 -15.43 14.19 11.08
CA ARG A 347 -14.69 15.42 10.86
C ARG A 347 -14.01 15.37 9.49
N GLN A 348 -13.84 16.53 8.86
CA GLN A 348 -13.34 16.60 7.50
C GLN A 348 -12.11 15.73 7.24
N ALA A 349 -11.17 15.70 8.18
CA ALA A 349 -9.95 14.89 8.01
C ALA A 349 -10.24 13.38 7.95
N ASP A 350 -11.31 12.94 8.62
CA ASP A 350 -11.69 11.53 8.59
C ASP A 350 -12.26 11.16 7.23
N ILE A 351 -13.16 12.02 6.74
CA ILE A 351 -13.70 11.89 5.40
C ILE A 351 -12.59 11.66 4.37
N ILE A 352 -11.54 12.48 4.44
CA ILE A 352 -10.46 12.46 3.47
C ILE A 352 -9.62 11.17 3.57
N LYS A 353 -9.54 10.60 4.76
CA LYS A 353 -8.86 9.33 4.98
C LYS A 353 -9.63 8.18 4.33
N ILE A 354 -10.95 8.26 4.34
CA ILE A 354 -11.80 7.16 3.91
C ILE A 354 -12.04 7.22 2.40
N ALA A 355 -11.55 8.28 1.77
CA ALA A 355 -11.73 8.48 0.34
C ALA A 355 -10.39 8.74 -0.35
N GLY A 356 -9.39 9.08 0.46
CA GLY A 356 -8.03 9.25 -0.03
C GLY A 356 -7.31 7.92 -0.12
N ASN A 357 -7.92 6.97 -0.84
CA ASN A 357 -7.36 5.67 -1.08
C ASN A 357 -7.97 5.16 -2.38
N ASP A 358 -7.37 4.14 -2.98
CA ASP A 358 -7.97 3.46 -4.12
C ASP A 358 -9.32 2.87 -3.69
N GLY A 359 -10.32 3.03 -4.55
CA GLY A 359 -11.68 2.62 -4.25
C GLY A 359 -12.32 3.34 -3.08
N GLY A 360 -12.11 4.65 -2.97
CA GLY A 360 -12.62 5.39 -1.84
C GLY A 360 -14.12 5.62 -1.87
N ALA A 361 -14.66 5.72 -3.08
CA ALA A 361 -16.08 5.86 -3.28
C ALA A 361 -16.77 4.67 -2.61
N GLN A 362 -16.16 3.51 -2.71
CA GLN A 362 -16.74 2.30 -2.16
C GLN A 362 -16.65 2.29 -0.63
N ALA A 363 -15.48 2.67 -0.11
CA ALA A 363 -15.29 2.74 1.33
C ALA A 363 -16.32 3.67 1.95
N LEU A 364 -16.54 4.82 1.31
CA LEU A 364 -17.52 5.79 1.79
C LEU A 364 -18.94 5.24 1.90
N GLN A 365 -19.47 4.77 0.78
CA GLN A 365 -20.78 4.14 0.75
C GLN A 365 -20.87 3.02 1.79
N ALA A 366 -19.77 2.31 1.99
CA ALA A 366 -19.74 1.20 2.94
C ALA A 366 -19.82 1.70 4.37
N VAL A 367 -19.48 2.98 4.54
CA VAL A 367 -19.40 3.57 5.86
C VAL A 367 -20.79 3.91 6.33
N ILE A 368 -21.59 4.44 5.40
CA ILE A 368 -22.99 4.73 5.67
C ILE A 368 -23.76 3.44 5.84
N GLU A 369 -23.43 2.46 5.02
CA GLU A 369 -24.16 1.20 4.93
C GLU A 369 -23.97 0.30 6.15
N HIS A 370 -22.94 0.57 6.95
CA HIS A 370 -22.59 -0.33 8.05
C HIS A 370 -22.16 0.40 9.31
N GLY A 371 -21.93 1.70 9.18
CA GLY A 371 -21.46 2.54 10.28
C GLY A 371 -22.28 2.45 11.56
N PRO A 372 -23.60 2.69 11.47
CA PRO A 372 -24.48 2.52 12.64
C PRO A 372 -24.48 1.09 13.16
N THR A 373 -24.57 0.12 12.26
CA THR A 373 -24.61 -1.29 12.66
C THR A 373 -23.33 -1.70 13.40
N LEU A 374 -22.24 -0.97 13.17
CA LEU A 374 -20.94 -1.27 13.79
C LEU A 374 -20.78 -0.66 15.19
N ARG A 375 -21.24 0.57 15.40
CA ARG A 375 -21.17 1.23 16.71
C ARG A 375 -21.99 0.43 17.70
N GLN A 376 -23.06 -0.18 17.20
CA GLN A 376 -23.88 -1.13 17.92
C GLN A 376 -23.11 -2.37 18.35
N HIS A 377 -22.13 -2.79 17.52
CA HIS A 377 -21.34 -3.99 17.81
C HIS A 377 -20.22 -3.75 18.84
N GLY A 378 -19.86 -2.48 19.03
CA GLY A 378 -18.93 -2.13 20.08
C GLY A 378 -17.93 -1.08 19.64
N PHE A 379 -17.94 -0.77 18.35
CA PHE A 379 -16.86 0.01 17.75
C PHE A 379 -17.12 1.51 17.76
N ASN A 380 -16.25 2.28 18.40
CA ASN A 380 -16.32 3.74 18.28
C ASN A 380 -15.93 4.19 16.88
N LEU A 381 -16.04 5.48 16.62
CA LEU A 381 -15.83 5.98 15.26
C LEU A 381 -14.36 6.13 14.89
N ALA A 382 -13.47 6.08 15.88
CA ALA A 382 -12.03 6.13 15.59
C ALA A 382 -11.64 4.80 14.97
N ASP A 383 -12.31 3.75 15.43
CA ASP A 383 -12.11 2.42 14.88
C ASP A 383 -12.62 2.32 13.46
N ILE A 384 -13.85 2.76 13.22
CA ILE A 384 -14.46 2.64 11.90
C ILE A 384 -13.68 3.42 10.83
N VAL A 385 -13.05 4.52 11.23
CA VAL A 385 -12.25 5.31 10.30
C VAL A 385 -10.93 4.58 10.02
N LYS A 386 -10.48 3.79 10.99
CA LYS A 386 -9.24 3.04 10.87
C LYS A 386 -9.42 1.85 9.91
N MET A 387 -10.60 1.24 9.95
CA MET A 387 -10.90 0.07 9.14
C MET A 387 -11.34 0.46 7.74
N ALA A 388 -11.81 1.69 7.59
CA ALA A 388 -12.23 2.20 6.30
C ALA A 388 -11.12 2.98 5.57
N GLY A 389 -10.14 3.46 6.31
CA GLY A 389 -9.09 4.32 5.76
C GLY A 389 -7.98 3.57 5.05
N ASN A 390 -8.35 2.50 4.38
CA ASN A 390 -7.40 1.66 3.68
C ASN A 390 -7.92 1.37 2.30
N ILE A 391 -7.04 0.98 1.39
CA ILE A 391 -7.44 0.38 0.14
C ILE A 391 -8.32 -0.82 0.52
N GLY A 392 -9.45 -0.97 -0.19
CA GLY A 392 -10.38 -2.04 0.07
C GLY A 392 -11.03 -1.98 1.44
N GLY A 393 -11.33 -0.76 1.90
CA GLY A 393 -11.98 -0.55 3.18
C GLY A 393 -13.43 -1.00 3.17
N ALA A 394 -14.04 -0.99 1.99
CA ALA A 394 -15.42 -1.45 1.85
C ALA A 394 -15.50 -2.94 2.20
N GLN A 395 -14.59 -3.71 1.61
CA GLN A 395 -14.46 -5.13 1.96
C GLN A 395 -14.14 -5.28 3.42
N ALA A 396 -13.40 -4.32 3.97
CA ALA A 396 -12.91 -4.43 5.33
C ALA A 396 -14.04 -4.36 6.34
N LEU A 397 -14.90 -3.35 6.22
CA LEU A 397 -16.07 -3.16 7.09
C LEU A 397 -17.08 -4.30 6.95
N GLN A 398 -17.38 -4.68 5.71
CA GLN A 398 -18.30 -5.78 5.42
C GLN A 398 -17.83 -7.09 6.03
N ALA A 399 -16.52 -7.34 6.00
CA ALA A 399 -15.95 -8.59 6.50
C ALA A 399 -15.96 -8.66 8.03
N VAL A 400 -15.88 -7.50 8.65
CA VAL A 400 -15.95 -7.36 10.11
C VAL A 400 -17.33 -7.68 10.63
N LEU A 401 -18.35 -7.22 9.90
CA LEU A 401 -19.73 -7.59 10.21
C LEU A 401 -19.89 -9.11 10.20
N ASP A 402 -19.77 -9.70 9.02
CA ASP A 402 -20.04 -11.12 8.80
C ASP A 402 -19.22 -12.05 9.68
N LEU A 403 -18.04 -11.60 10.09
CA LEU A 403 -17.15 -12.44 10.87
C LEU A 403 -17.12 -12.11 12.35
N LYS A 404 -17.82 -11.05 12.76
CA LYS A 404 -17.78 -10.59 14.16
C LYS A 404 -18.06 -11.68 15.22
N PRO A 405 -19.22 -12.37 15.12
CA PRO A 405 -19.50 -13.41 16.13
C PRO A 405 -18.38 -14.45 16.20
N VAL A 406 -17.93 -14.92 15.04
CA VAL A 406 -16.87 -15.93 14.95
C VAL A 406 -15.60 -15.52 15.73
N LEU A 407 -15.05 -14.36 15.38
CA LEU A 407 -13.82 -13.88 16.00
C LEU A 407 -13.96 -13.79 17.53
N ASP A 408 -15.14 -13.38 18.00
CA ASP A 408 -15.40 -13.35 19.44
C ASP A 408 -15.27 -14.75 20.06
N GLU A 409 -15.78 -15.77 19.35
CA GLU A 409 -15.67 -17.16 19.78
C GLU A 409 -14.22 -17.64 19.88
N HIS A 410 -13.42 -17.28 18.88
CA HIS A 410 -12.01 -17.63 18.87
C HIS A 410 -11.19 -16.87 19.93
N GLY A 411 -11.79 -15.87 20.56
CA GLY A 411 -11.18 -15.24 21.73
C GLY A 411 -10.30 -14.05 21.41
N PHE A 412 -10.77 -13.23 20.48
CA PHE A 412 -10.03 -12.04 20.04
C PHE A 412 -10.64 -10.76 20.60
N SER A 413 -9.79 -9.94 21.20
CA SER A 413 -10.20 -8.63 21.72
C SER A 413 -10.83 -7.77 20.63
N GLN A 414 -11.53 -6.72 21.03
CA GLN A 414 -12.02 -5.77 20.05
C GLN A 414 -10.87 -4.96 19.42
N PRO A 415 -9.93 -4.45 20.23
CA PRO A 415 -8.80 -3.81 19.54
C PRO A 415 -8.04 -4.81 18.66
N ASP A 416 -7.91 -6.05 19.11
CA ASP A 416 -7.30 -7.13 18.30
C ASP A 416 -8.03 -7.34 16.97
N ILE A 417 -9.30 -6.96 16.91
CA ILE A 417 -10.04 -7.02 15.65
C ILE A 417 -9.67 -5.81 14.78
N VAL A 418 -9.74 -4.63 15.37
CA VAL A 418 -9.39 -3.40 14.68
C VAL A 418 -7.91 -3.39 14.29
N LYS A 419 -7.11 -4.25 14.91
CA LYS A 419 -5.72 -4.39 14.50
C LYS A 419 -5.65 -5.09 13.14
N MET A 420 -6.22 -6.29 13.07
CA MET A 420 -6.16 -7.10 11.86
C MET A 420 -6.97 -6.48 10.75
N ALA A 421 -8.03 -5.78 11.13
CA ALA A 421 -8.97 -5.30 10.15
C ALA A 421 -8.51 -3.96 9.63
N GLY A 422 -7.61 -3.34 10.39
CA GLY A 422 -7.18 -1.97 10.15
C GLY A 422 -6.15 -1.75 9.06
N ASN A 423 -5.58 -2.83 8.55
CA ASN A 423 -4.65 -2.71 7.42
C ASN A 423 -5.29 -3.09 6.08
N ILE A 424 -4.64 -2.69 5.00
CA ILE A 424 -5.00 -3.17 3.66
C ILE A 424 -5.24 -4.69 3.65
N GLY A 425 -6.22 -5.13 2.86
CA GLY A 425 -6.61 -6.52 2.83
C GLY A 425 -7.04 -7.08 4.17
N GLY A 426 -7.61 -6.22 5.02
CA GLY A 426 -8.01 -6.62 6.35
C GLY A 426 -9.12 -7.63 6.27
N ALA A 427 -9.91 -7.52 5.21
CA ALA A 427 -10.97 -8.48 4.95
C ALA A 427 -10.36 -9.87 4.90
N GLN A 428 -9.22 -9.97 4.19
CA GLN A 428 -8.50 -11.23 4.02
C GLN A 428 -7.89 -11.73 5.30
N ALA A 429 -7.30 -10.80 6.05
CA ALA A 429 -6.60 -11.10 7.29
C ALA A 429 -7.52 -11.76 8.30
N LEU A 430 -8.73 -11.21 8.44
CA LEU A 430 -9.74 -11.80 9.30
C LEU A 430 -10.15 -13.24 8.94
N GLN A 431 -10.34 -13.54 7.66
CA GLN A 431 -10.66 -14.93 7.28
C GLN A 431 -9.50 -15.87 7.59
N ALA A 432 -8.29 -15.40 7.30
CA ALA A 432 -7.07 -16.19 7.54
C ALA A 432 -6.89 -16.58 9.00
N VAL A 433 -7.35 -15.76 9.94
CA VAL A 433 -7.15 -16.08 11.35
C VAL A 433 -8.22 -17.01 11.88
N LEU A 434 -9.27 -17.16 11.10
CA LEU A 434 -10.26 -18.17 11.42
C LEU A 434 -9.80 -19.47 10.77
N SER A 435 -9.49 -19.42 9.48
CA SER A 435 -9.01 -20.58 8.71
C SER A 435 -7.71 -21.18 9.25
N LEU A 436 -6.72 -20.31 9.40
CA LEU A 436 -5.42 -20.66 9.94
C LEU A 436 -5.44 -20.03 11.31
N GLY A 437 -4.70 -20.57 12.25
CA GLY A 437 -4.73 -19.95 13.57
C GLY A 437 -5.12 -20.94 14.63
N PRO A 438 -6.32 -21.53 14.50
CA PRO A 438 -6.62 -22.68 15.34
C PRO A 438 -5.52 -23.72 15.15
N ALA A 439 -5.00 -23.84 13.93
CA ALA A 439 -3.87 -24.72 13.64
C ALA A 439 -2.57 -24.15 14.20
N LEU A 440 -2.38 -22.84 14.05
CA LEU A 440 -1.17 -22.16 14.52
C LEU A 440 -0.91 -22.25 16.02
N ARG A 441 -1.96 -22.46 16.81
CA ARG A 441 -1.75 -22.68 18.23
C ARG A 441 -1.01 -24.00 18.40
N GLU A 442 -1.39 -24.99 17.60
CA GLU A 442 -0.80 -26.32 17.71
C GLU A 442 0.71 -26.31 17.45
N ARG A 443 1.17 -25.38 16.63
CA ARG A 443 2.60 -25.26 16.38
C ARG A 443 3.29 -24.73 17.63
N GLY A 444 2.56 -23.95 18.42
CA GLY A 444 3.09 -23.40 19.66
C GLY A 444 3.12 -21.88 19.71
N PHE A 445 2.50 -21.25 18.73
CA PHE A 445 2.41 -19.79 18.74
C PHE A 445 1.36 -19.27 19.70
N SER A 446 1.67 -18.12 20.28
CA SER A 446 0.81 -17.45 21.25
C SER A 446 -0.30 -16.73 20.50
N GLN A 447 -1.35 -16.36 21.21
CA GLN A 447 -2.45 -15.61 20.58
C GLN A 447 -2.03 -14.17 20.18
N PRO A 448 -1.41 -13.40 21.10
CA PRO A 448 -0.85 -12.13 20.62
C PRO A 448 0.21 -12.30 19.55
N ASP A 449 0.95 -13.42 19.59
CA ASP A 449 1.89 -13.75 18.51
C ASP A 449 1.15 -13.81 17.18
N ILE A 450 -0.03 -14.44 17.21
CA ILE A 450 -0.87 -14.57 16.02
C ILE A 450 -1.40 -13.21 15.56
N VAL A 451 -1.79 -12.38 16.52
CA VAL A 451 -2.34 -11.07 16.17
C VAL A 451 -1.27 -10.20 15.55
N LYS A 452 -0.01 -10.42 15.92
CA LYS A 452 1.08 -9.73 15.25
C LYS A 452 1.20 -10.18 13.80
N ILE A 453 1.14 -11.49 13.55
CA ILE A 453 1.25 -12.00 12.18
C ILE A 453 0.14 -11.47 11.27
N ALA A 454 -1.10 -11.49 11.78
CA ALA A 454 -2.25 -10.97 11.06
C ALA A 454 -2.38 -9.46 11.07
N GLY A 455 -1.60 -8.80 11.93
CA GLY A 455 -1.78 -7.40 12.26
C GLY A 455 -1.15 -6.38 11.33
N ASN A 456 -0.61 -6.84 10.21
CA ASN A 456 -0.08 -5.94 9.21
C ASN A 456 -0.56 -6.27 7.84
N THR A 457 -0.26 -5.43 6.87
CA THR A 457 -0.58 -5.72 5.49
C THR A 457 -0.13 -7.08 5.14
N GLY A 458 -0.85 -7.75 4.28
CA GLY A 458 -0.45 -9.03 3.79
C GLY A 458 -0.47 -10.00 4.93
N GLY A 459 -1.16 -9.65 5.99
CA GLY A 459 -1.29 -10.54 7.13
C GLY A 459 -1.79 -11.95 6.82
N ALA A 460 -2.78 -12.06 5.93
CA ALA A 460 -3.31 -13.39 5.56
C ALA A 460 -2.17 -14.18 4.97
N GLN A 461 -1.33 -13.49 4.22
CA GLN A 461 -0.24 -14.10 3.46
C GLN A 461 0.81 -14.64 4.42
N ALA A 462 1.15 -13.82 5.41
CA ALA A 462 2.13 -14.16 6.44
C ALA A 462 1.76 -15.41 7.23
N LEU A 463 0.51 -15.46 7.69
CA LEU A 463 0.01 -16.62 8.44
C LEU A 463 0.17 -17.93 7.66
N GLN A 464 -0.15 -17.89 6.38
CA GLN A 464 0.09 -19.07 5.56
C GLN A 464 1.58 -19.41 5.57
N ALA A 465 2.41 -18.41 5.21
CA ALA A 465 3.88 -18.56 5.17
C ALA A 465 4.45 -19.14 6.44
N VAL A 466 4.01 -18.62 7.58
CA VAL A 466 4.41 -19.19 8.86
C VAL A 466 4.14 -20.71 8.91
N LEU A 467 2.91 -21.08 8.63
CA LEU A 467 2.48 -22.49 8.71
C LEU A 467 3.27 -23.36 7.75
N ASP A 468 3.41 -22.89 6.51
CA ASP A 468 4.18 -23.64 5.53
C ASP A 468 5.64 -23.81 5.94
N LEU A 469 6.20 -22.77 6.55
CA LEU A 469 7.65 -22.65 6.66
C LEU A 469 8.25 -22.83 8.05
N GLU A 470 7.51 -22.50 9.10
CA GLU A 470 8.07 -22.49 10.45
C GLU A 470 8.86 -23.75 10.88
N LEU A 471 8.39 -24.93 10.49
CA LEU A 471 9.04 -26.19 10.86
C LEU A 471 10.43 -26.32 10.25
N THR A 472 10.50 -26.06 8.95
CA THR A 472 11.75 -26.15 8.22
C THR A 472 12.70 -25.03 8.65
N LEU A 473 12.16 -24.03 9.31
CA LEU A 473 12.93 -22.85 9.73
C LEU A 473 13.55 -23.04 11.10
N VAL A 474 12.79 -23.65 12.00
CA VAL A 474 13.26 -23.88 13.35
C VAL A 474 14.48 -24.81 13.33
N GLU A 475 14.41 -25.81 12.46
CA GLU A 475 15.52 -26.73 12.28
C GLU A 475 16.70 -26.06 11.61
N HIS A 476 16.42 -25.09 10.75
CA HIS A 476 17.46 -24.34 10.06
C HIS A 476 18.22 -23.36 10.96
N GLY A 477 17.96 -23.42 12.27
CA GLY A 477 18.68 -22.61 13.23
C GLY A 477 18.00 -21.30 13.56
N PHE A 478 16.67 -21.29 13.50
CA PHE A 478 15.87 -20.14 13.94
C PHE A 478 14.86 -20.56 14.98
N SER A 479 13.98 -19.65 15.34
CA SER A 479 13.01 -19.95 16.39
C SER A 479 11.71 -19.24 16.18
N GLN A 480 10.64 -19.81 16.73
CA GLN A 480 9.32 -19.17 16.70
C GLN A 480 9.32 -17.73 17.18
N PRO A 481 9.92 -17.43 18.35
CA PRO A 481 9.92 -16.04 18.81
C PRO A 481 10.50 -15.07 17.77
N ASP A 482 11.52 -15.49 17.05
CA ASP A 482 12.06 -14.62 16.02
C ASP A 482 11.59 -15.04 14.63
N ILE A 483 10.48 -15.77 14.60
CA ILE A 483 9.66 -15.88 13.40
C ILE A 483 8.53 -14.88 13.57
N VAL A 484 8.07 -14.73 14.80
CA VAL A 484 7.07 -13.72 15.10
C VAL A 484 7.70 -12.36 14.86
N ARG A 485 8.97 -12.24 15.21
CA ARG A 485 9.69 -10.97 15.05
C ARG A 485 9.75 -10.55 13.60
N ILE A 486 10.24 -11.43 12.75
CA ILE A 486 10.34 -11.17 11.31
C ILE A 486 9.01 -10.78 10.63
N THR A 487 7.88 -11.29 11.11
CA THR A 487 6.61 -11.03 10.44
C THR A 487 5.75 -9.94 11.07
N GLY A 488 5.87 -9.78 12.38
CA GLY A 488 5.15 -8.75 13.10
C GLY A 488 5.77 -7.40 12.80
N ASN A 489 7.00 -7.44 12.31
CA ASN A 489 7.71 -6.21 12.00
C ASN A 489 7.61 -5.83 10.53
N ARG A 490 6.61 -6.40 9.84
CA ARG A 490 6.18 -6.09 8.45
C ARG A 490 6.90 -6.82 7.33
N GLY A 491 7.93 -7.61 7.66
CA GLY A 491 8.69 -8.33 6.63
C GLY A 491 7.83 -9.34 5.89
N GLY A 492 6.94 -9.97 6.63
CA GLY A 492 5.86 -10.74 6.04
C GLY A 492 6.26 -12.07 5.46
N ALA A 493 5.49 -12.51 4.48
CA ALA A 493 5.72 -13.79 3.88
C ALA A 493 6.96 -13.71 3.02
N GLN A 494 7.11 -12.60 2.29
CA GLN A 494 8.27 -12.42 1.41
C GLN A 494 9.61 -12.61 2.13
N ALA A 495 9.74 -11.98 3.29
CA ALA A 495 10.94 -12.11 4.12
C ALA A 495 11.21 -13.54 4.59
N LEU A 496 10.16 -14.28 4.88
CA LEU A 496 10.34 -15.62 5.43
C LEU A 496 10.79 -16.57 4.35
N GLN A 497 10.26 -16.37 3.15
CA GLN A 497 10.68 -17.14 1.99
C GLN A 497 12.13 -16.78 1.68
N ALA A 498 12.45 -15.50 1.73
CA ALA A 498 13.82 -15.05 1.45
C ALA A 498 14.85 -15.48 2.52
N VAL A 499 14.47 -15.45 3.80
CA VAL A 499 15.35 -16.01 4.82
C VAL A 499 15.71 -17.44 4.45
N LEU A 500 14.68 -18.21 4.12
CA LEU A 500 14.80 -19.62 3.80
C LEU A 500 15.76 -19.90 2.66
N ALA A 501 15.61 -19.17 1.56
CA ALA A 501 16.36 -19.46 0.34
C ALA A 501 17.74 -18.80 0.31
N LEU A 502 18.00 -17.91 1.27
CA LEU A 502 19.21 -17.10 1.27
C LEU A 502 20.08 -17.23 2.52
N GLU A 503 19.51 -17.71 3.62
CA GLU A 503 20.30 -17.83 4.84
C GLU A 503 21.52 -18.76 4.67
N LEU A 504 21.56 -19.56 3.61
CA LEU A 504 22.76 -20.36 3.38
C LEU A 504 23.88 -19.55 2.70
N THR A 505 23.55 -18.82 1.62
CA THR A 505 24.55 -17.96 0.97
C THR A 505 25.02 -16.95 1.99
N LEU A 506 24.09 -16.51 2.83
CA LEU A 506 24.38 -15.58 3.92
C LEU A 506 25.22 -16.20 5.01
N ARG A 507 25.18 -17.52 5.12
CA ARG A 507 25.97 -18.14 6.18
C ARG A 507 27.30 -18.66 5.66
N GLU A 508 27.67 -18.25 4.44
CA GLU A 508 29.00 -18.50 3.90
C GLU A 508 29.74 -17.17 3.72
N ARG A 509 29.00 -16.08 3.74
CA ARG A 509 29.59 -14.76 3.59
C ARG A 509 29.90 -14.10 4.92
N GLY A 510 29.46 -14.73 6.01
CA GLY A 510 30.00 -14.40 7.31
C GLY A 510 28.95 -13.95 8.30
N PHE A 511 27.69 -13.96 7.88
CA PHE A 511 26.64 -13.36 8.70
C PHE A 511 26.09 -14.28 9.80
N SER A 512 25.65 -13.67 10.90
CA SER A 512 25.13 -14.39 12.07
C SER A 512 23.60 -14.47 12.03
N GLN A 513 23.03 -15.35 12.86
CA GLN A 513 21.59 -15.50 12.90
C GLN A 513 20.84 -14.27 13.44
N PRO A 514 21.27 -13.71 14.61
CA PRO A 514 20.62 -12.45 15.02
C PRO A 514 20.82 -11.34 14.01
N ASP A 515 21.88 -11.43 13.21
CA ASP A 515 22.08 -10.52 12.09
C ASP A 515 20.99 -10.74 11.06
N ILE A 516 20.91 -11.96 10.54
CA ILE A 516 19.90 -12.37 9.58
C ILE A 516 18.48 -12.07 10.10
N VAL A 517 18.24 -12.30 11.39
CA VAL A 517 16.98 -11.90 12.01
C VAL A 517 16.76 -10.39 11.91
N LYS A 518 17.77 -9.60 12.25
CA LYS A 518 17.62 -8.14 12.24
C LYS A 518 17.33 -7.57 10.85
N ILE A 519 18.00 -8.09 9.84
CA ILE A 519 17.88 -7.59 8.46
C ILE A 519 16.54 -8.03 7.87
N ALA A 520 16.02 -9.17 8.33
CA ALA A 520 14.72 -9.63 7.89
C ALA A 520 13.60 -8.86 8.60
N GLY A 521 13.78 -8.64 9.89
CA GLY A 521 12.75 -8.04 10.72
C GLY A 521 12.33 -6.62 10.40
N ASN A 522 12.19 -6.29 9.12
CA ASN A 522 11.68 -4.98 8.72
C ASN A 522 10.92 -5.07 7.40
N SER A 523 9.95 -4.19 7.21
CA SER A 523 9.32 -4.00 5.91
C SER A 523 10.39 -3.88 4.86
N GLY A 524 10.25 -4.67 3.80
CA GLY A 524 11.21 -4.73 2.71
C GLY A 524 12.31 -5.76 2.90
N GLY A 525 12.32 -6.43 4.06
CA GLY A 525 13.44 -7.26 4.50
C GLY A 525 13.86 -8.40 3.57
N ALA A 526 13.06 -8.69 2.55
CA ALA A 526 13.44 -9.70 1.59
C ALA A 526 14.34 -9.06 0.53
N GLN A 527 14.07 -7.80 0.20
CA GLN A 527 14.89 -7.03 -0.73
C GLN A 527 16.27 -6.77 -0.13
N ALA A 528 16.28 -6.50 1.17
CA ALA A 528 17.49 -6.25 1.94
C ALA A 528 18.41 -7.47 1.98
N LEU A 529 17.86 -8.63 2.31
CA LEU A 529 18.66 -9.86 2.38
C LEU A 529 19.46 -10.08 1.09
N GLN A 530 18.78 -9.99 -0.04
CA GLN A 530 19.40 -9.96 -1.35
C GLN A 530 20.31 -8.74 -1.56
N ALA A 531 19.95 -7.58 -0.99
CA ALA A 531 20.73 -6.36 -1.19
C ALA A 531 22.13 -6.49 -0.59
N VAL A 532 22.21 -6.90 0.67
CA VAL A 532 23.46 -7.27 1.32
C VAL A 532 24.30 -8.22 0.47
N LEU A 533 23.70 -9.33 0.06
CA LEU A 533 24.38 -10.32 -0.79
C LEU A 533 25.05 -9.72 -2.03
N ASP A 534 24.38 -8.77 -2.66
CA ASP A 534 24.91 -8.14 -3.87
C ASP A 534 25.95 -7.03 -3.55
N LEU A 535 25.93 -6.50 -2.32
CA LEU A 535 26.69 -5.29 -2.03
C LEU A 535 27.79 -5.45 -0.99
N GLU A 536 27.61 -6.41 -0.08
CA GLU A 536 28.54 -6.66 1.03
C GLU A 536 30.02 -6.57 0.65
N LEU A 537 30.38 -7.03 -0.55
CA LEU A 537 31.78 -6.94 -0.96
C LEU A 537 32.23 -5.50 -1.17
N THR A 538 31.58 -4.80 -2.10
CA THR A 538 31.84 -3.38 -2.35
C THR A 538 31.85 -2.53 -1.07
N PHE A 539 30.96 -2.82 -0.13
CA PHE A 539 31.00 -2.16 1.17
C PHE A 539 32.28 -2.45 1.94
N ARG A 540 32.65 -3.72 1.98
CA ARG A 540 33.82 -4.18 2.71
C ARG A 540 35.10 -3.65 2.01
N GLU A 541 34.99 -3.43 0.70
CA GLU A 541 36.03 -2.83 -0.14
C GLU A 541 36.32 -1.33 0.11
N ARG A 542 35.50 -0.67 0.91
CA ARG A 542 35.57 0.80 0.98
C ARG A 542 36.07 1.57 2.22
N GLY A 543 36.05 1.02 3.44
CA GLY A 543 35.59 -0.30 3.79
C GLY A 543 34.79 -0.12 5.05
N PHE A 544 33.56 -0.61 5.04
CA PHE A 544 32.71 -0.55 6.21
C PHE A 544 32.70 -1.95 6.78
N SER A 545 32.46 -2.08 8.08
CA SER A 545 32.44 -3.40 8.69
C SER A 545 31.06 -4.02 8.54
N GLN A 546 30.98 -5.31 8.86
CA GLN A 546 29.73 -6.04 8.78
C GLN A 546 28.66 -5.40 9.66
N ALA A 547 29.03 -5.00 10.88
CA ALA A 547 28.09 -4.33 11.78
C ALA A 547 27.46 -3.12 11.08
N ASP A 548 28.28 -2.40 10.33
CA ASP A 548 27.83 -1.24 9.58
C ASP A 548 26.84 -1.65 8.50
N ILE A 549 27.17 -2.69 7.74
CA ILE A 549 26.26 -3.22 6.72
C ILE A 549 24.91 -3.63 7.31
N VAL A 550 24.93 -4.21 8.50
CA VAL A 550 23.70 -4.66 9.16
C VAL A 550 22.94 -3.49 9.77
N LYS A 551 23.67 -2.53 10.34
CA LYS A 551 23.04 -1.33 10.86
C LYS A 551 22.28 -0.65 9.73
N ILE A 552 22.99 -0.36 8.65
CA ILE A 552 22.39 0.31 7.50
C ILE A 552 21.22 -0.48 6.94
N ALA A 553 21.43 -1.79 6.78
CA ALA A 553 20.41 -2.66 6.21
C ALA A 553 19.17 -2.91 7.08
N GLY A 554 19.35 -3.02 8.39
CA GLY A 554 18.28 -3.43 9.29
C GLY A 554 17.28 -2.36 9.71
N ASN A 555 16.72 -1.70 8.72
CA ASN A 555 15.64 -0.74 8.90
C ASN A 555 14.72 -0.81 7.69
N ASP A 556 13.49 -0.31 7.82
CA ASP A 556 12.57 -0.28 6.69
C ASP A 556 13.23 0.43 5.49
N GLY A 557 13.22 -0.23 4.34
CA GLY A 557 13.77 0.39 3.14
C GLY A 557 15.27 0.21 3.10
N GLY A 558 15.75 -0.79 3.83
CA GLY A 558 17.15 -1.22 3.81
C GLY A 558 17.90 -1.08 2.51
N THR A 559 17.35 -1.53 1.39
CA THR A 559 18.13 -1.60 0.15
C THR A 559 18.34 -0.23 -0.46
N GLN A 560 17.46 0.70 -0.10
CA GLN A 560 17.53 2.06 -0.56
C GLN A 560 18.73 2.68 0.15
N ALA A 561 18.73 2.50 1.48
CA ALA A 561 19.81 2.94 2.36
C ALA A 561 21.17 2.38 1.95
N LEU A 562 21.22 1.09 1.60
CA LEU A 562 22.47 0.48 1.20
C LEU A 562 22.98 1.07 -0.10
N HIS A 563 22.08 1.30 -1.04
CA HIS A 563 22.49 1.86 -2.33
C HIS A 563 22.90 3.33 -2.28
N ALA A 564 22.30 4.07 -1.36
CA ALA A 564 22.50 5.51 -1.29
C ALA A 564 23.86 5.79 -0.65
N VAL A 565 24.21 5.00 0.36
CA VAL A 565 25.55 5.05 0.94
C VAL A 565 26.62 4.87 -0.13
N LEU A 566 26.53 3.78 -0.88
CA LEU A 566 27.49 3.49 -1.94
C LEU A 566 27.55 4.60 -3.00
N ASP A 567 26.42 5.22 -3.29
CA ASP A 567 26.36 6.31 -4.27
C ASP A 567 26.89 7.67 -3.79
N LEU A 568 26.93 7.88 -2.46
CA LEU A 568 27.14 9.19 -1.85
C LEU A 568 28.22 9.27 -0.77
N GLU A 569 28.69 8.12 -0.29
CA GLU A 569 29.79 8.10 0.69
C GLU A 569 30.98 8.98 0.27
N ARG A 570 31.25 9.07 -1.03
CA ARG A 570 32.34 9.90 -1.50
C ARG A 570 32.06 11.37 -1.21
N MET A 571 30.99 11.89 -1.82
CA MET A 571 30.65 13.31 -1.71
C MET A 571 30.53 13.77 -0.26
N LEU A 572 30.07 12.89 0.62
CA LEU A 572 29.91 13.23 2.03
C LEU A 572 31.26 13.37 2.73
N GLY A 573 32.22 12.53 2.32
CA GLY A 573 33.54 12.52 2.92
C GLY A 573 34.32 13.70 2.38
N ASP A 574 33.76 14.30 1.32
CA ASP A 574 34.29 15.52 0.70
C ASP A 574 33.71 16.79 1.31
N ARG A 575 32.85 16.61 2.32
CA ARG A 575 32.23 17.74 2.98
C ARG A 575 32.36 17.61 4.50
N GLY A 576 33.35 16.82 4.93
CA GLY A 576 33.76 16.79 6.31
C GLY A 576 33.29 15.63 7.15
N PHE A 577 32.48 14.76 6.56
CA PHE A 577 31.80 13.71 7.32
C PHE A 577 32.55 12.38 7.33
N SER A 578 32.65 11.78 8.50
CA SER A 578 33.33 10.50 8.65
C SER A 578 32.46 9.27 8.37
N ARG A 579 33.11 8.11 8.22
CA ARG A 579 32.43 6.83 8.09
C ARG A 579 31.34 6.71 9.12
N ALA A 580 31.74 6.79 10.39
CA ALA A 580 30.80 6.53 11.48
C ALA A 580 29.69 7.55 11.48
N ASP A 581 29.93 8.68 10.82
CA ASP A 581 28.88 9.64 10.59
C ASP A 581 27.91 9.10 9.52
N ILE A 582 28.45 8.56 8.44
CA ILE A 582 27.63 8.17 7.29
C ILE A 582 26.71 6.99 7.67
N VAL A 583 27.22 6.14 8.54
CA VAL A 583 26.52 4.96 9.00
C VAL A 583 25.39 5.37 9.92
N ASN A 584 25.68 6.30 10.83
CA ASN A 584 24.67 6.80 11.75
C ASN A 584 23.53 7.50 11.04
N VAL A 585 23.83 8.17 9.92
CA VAL A 585 22.80 8.88 9.14
C VAL A 585 22.03 7.88 8.24
N ALA A 586 22.72 6.82 7.83
CA ALA A 586 22.13 5.76 7.03
C ALA A 586 21.29 4.76 7.82
N GLY A 587 21.56 4.63 9.12
CA GLY A 587 21.07 3.52 9.89
C GLY A 587 19.77 3.76 10.62
N ASN A 588 18.86 4.48 9.97
CA ASN A 588 17.48 4.62 10.40
C ASN A 588 16.57 4.61 9.17
N ASN A 589 15.25 4.43 9.40
CA ASN A 589 14.24 4.57 8.36
C ASN A 589 14.50 5.84 7.54
N GLY A 590 14.51 5.74 6.22
CA GLY A 590 14.65 6.90 5.37
C GLY A 590 16.09 7.36 5.18
N GLY A 591 17.05 6.57 5.66
CA GLY A 591 18.44 6.92 5.57
C GLY A 591 18.87 7.34 4.20
N ALA A 592 18.32 6.70 3.18
CA ALA A 592 18.56 7.14 1.80
C ALA A 592 18.17 8.61 1.69
N GLN A 593 16.94 8.93 2.09
CA GLN A 593 16.46 10.32 2.12
C GLN A 593 17.31 11.23 3.02
N ALA A 594 17.59 10.77 4.24
CA ALA A 594 18.44 11.51 5.15
C ALA A 594 19.83 11.83 4.55
N LEU A 595 20.38 10.95 3.73
CA LEU A 595 21.71 11.16 3.15
C LEU A 595 21.74 12.15 1.99
N LYS A 596 20.63 12.29 1.27
CA LYS A 596 20.58 13.19 0.11
C LYS A 596 20.35 14.62 0.62
N ALA A 597 19.67 14.71 1.75
CA ALA A 597 19.32 15.98 2.33
C ALA A 597 20.54 16.58 3.00
N VAL A 598 21.38 15.72 3.58
CA VAL A 598 22.64 16.19 4.12
C VAL A 598 23.44 16.91 3.03
N LEU A 599 23.74 16.23 1.92
CA LEU A 599 24.45 16.87 0.82
C LEU A 599 23.79 18.16 0.33
N GLU A 600 22.45 18.21 0.31
CA GLU A 600 21.76 19.38 -0.26
C GLU A 600 21.60 20.59 0.69
N HIS A 601 21.71 20.36 1.99
CA HIS A 601 21.44 21.38 2.99
C HIS A 601 22.62 21.56 3.92
N GLU A 602 23.69 20.85 3.63
CA GLU A 602 24.90 20.98 4.39
C GLU A 602 25.50 22.35 4.08
N ALA A 603 25.30 22.83 2.85
CA ALA A 603 25.88 24.12 2.46
C ALA A 603 25.46 25.26 3.39
N THR A 604 24.16 25.59 3.35
CA THR A 604 23.65 26.73 4.09
C THR A 604 23.54 26.49 5.60
N LEU A 605 23.77 25.27 6.05
CA LEU A 605 23.68 24.99 7.49
C LEU A 605 25.00 25.30 8.18
N ASN A 606 26.07 25.30 7.40
CA ASN A 606 27.37 25.71 7.90
C ASN A 606 27.40 27.24 8.00
N GLU A 607 26.71 27.91 7.07
CA GLU A 607 26.55 29.35 7.09
C GLU A 607 25.75 29.82 8.30
N ARG A 608 24.72 29.05 8.66
CA ARG A 608 23.83 29.41 9.76
C ARG A 608 24.26 28.84 11.11
N GLY A 609 25.57 28.64 11.26
CA GLY A 609 26.15 28.37 12.57
C GLY A 609 26.15 26.94 13.06
N PHE A 610 25.81 26.01 12.18
CA PHE A 610 25.77 24.61 12.57
C PHE A 610 26.99 23.81 12.12
N SER A 611 27.67 23.23 13.10
CA SER A 611 28.86 22.43 12.87
C SER A 611 28.58 21.12 12.16
N ARG A 612 29.66 20.39 11.87
CA ARG A 612 29.56 19.08 11.25
C ARG A 612 28.86 18.09 12.17
N ALA A 613 29.38 17.92 13.38
CA ALA A 613 28.79 16.95 14.30
C ALA A 613 27.31 17.22 14.63
N ASP A 614 26.84 18.42 14.30
CA ASP A 614 25.47 18.83 14.61
C ASP A 614 24.50 18.31 13.55
N ILE A 615 24.84 18.58 12.29
CA ILE A 615 24.13 17.99 11.16
C ILE A 615 23.93 16.47 11.35
N VAL A 616 24.98 15.77 11.76
CA VAL A 616 24.91 14.36 12.10
C VAL A 616 23.95 14.13 13.27
N LYS A 617 23.94 15.03 14.26
CA LYS A 617 22.98 14.89 15.36
C LYS A 617 21.54 15.04 14.85
N ILE A 618 21.32 16.05 14.02
CA ILE A 618 20.02 16.31 13.41
C ILE A 618 19.61 15.23 12.41
N ALA A 619 20.58 14.67 11.69
CA ALA A 619 20.23 13.72 10.64
C ALA A 619 20.23 12.26 11.09
N GLY A 620 20.87 11.96 12.21
CA GLY A 620 21.09 10.59 12.64
C GLY A 620 19.92 10.01 13.38
N ASN A 621 18.72 10.37 12.93
CA ASN A 621 17.46 9.75 13.36
C ASN A 621 16.50 9.57 12.17
N GLY A 622 15.51 8.67 12.32
CA GLY A 622 14.42 8.56 11.36
C GLY A 622 13.75 9.89 11.09
N GLY A 623 13.65 10.27 9.82
CA GLY A 623 13.07 11.56 9.47
C GLY A 623 14.15 12.62 9.26
N GLY A 624 15.40 12.17 9.21
CA GLY A 624 16.52 13.08 9.15
C GLY A 624 16.35 14.09 8.04
N ALA A 625 15.69 13.69 6.95
CA ALA A 625 15.46 14.60 5.84
C ALA A 625 14.49 15.72 6.23
N GLN A 626 13.46 15.39 7.00
CA GLN A 626 12.52 16.38 7.48
C GLN A 626 13.20 17.33 8.48
N ALA A 627 13.79 16.74 9.52
CA ALA A 627 14.50 17.49 10.55
C ALA A 627 15.57 18.46 10.01
N LEU A 628 16.28 18.08 8.97
CA LEU A 628 17.27 18.98 8.37
C LEU A 628 16.54 20.12 7.65
N LYS A 629 15.47 19.80 6.93
CA LYS A 629 14.70 20.85 6.24
C LYS A 629 14.06 21.78 7.27
N ALA A 630 13.45 21.20 8.29
CA ALA A 630 12.86 21.98 9.37
C ALA A 630 13.89 22.86 10.11
N VAL A 631 15.14 22.41 10.25
CA VAL A 631 16.18 23.28 10.82
C VAL A 631 16.56 24.37 9.81
N LEU A 632 16.08 24.29 8.58
CA LEU A 632 16.36 25.33 7.61
C LEU A 632 15.26 26.38 7.56
N GLU A 633 14.06 26.00 7.98
CA GLU A 633 12.92 26.91 7.98
C GLU A 633 12.88 27.82 9.21
N HIS A 634 12.82 27.17 10.39
CA HIS A 634 12.49 27.82 11.66
C HIS A 634 13.68 28.42 12.42
N GLU A 635 14.89 28.22 11.90
CA GLU A 635 16.11 28.61 12.60
C GLU A 635 16.28 30.14 12.65
N ALA A 636 15.59 30.85 11.76
CA ALA A 636 15.60 32.29 11.80
C ALA A 636 14.71 32.73 12.95
N THR A 637 13.47 32.25 12.93
CA THR A 637 12.49 32.79 13.85
C THR A 637 12.54 32.12 15.22
N LEU A 638 13.47 31.18 15.39
CA LEU A 638 13.74 30.60 16.71
C LEU A 638 14.91 31.33 17.34
N ASP A 639 15.71 31.98 16.50
CA ASP A 639 16.76 32.81 17.07
C ASP A 639 16.09 34.01 17.72
N GLU A 640 15.11 34.59 17.02
CA GLU A 640 14.46 35.81 17.48
C GLU A 640 13.42 35.53 18.56
N ARG A 641 13.43 34.33 19.10
CA ARG A 641 12.63 33.99 20.27
C ARG A 641 13.56 33.70 21.43
N GLY A 642 14.85 33.59 21.16
CA GLY A 642 15.83 33.43 22.22
C GLY A 642 16.58 32.11 22.29
N PHE A 643 16.25 31.16 21.40
CA PHE A 643 16.87 29.83 21.46
C PHE A 643 18.28 29.78 20.86
N SER A 644 19.23 29.25 21.62
CA SER A 644 20.58 29.11 21.12
C SER A 644 20.62 28.05 20.03
N ARG A 645 21.67 28.10 19.23
CA ARG A 645 21.90 27.11 18.19
C ARG A 645 21.91 25.74 18.82
N ALA A 646 22.66 25.61 19.91
CA ALA A 646 22.73 24.35 20.65
C ALA A 646 21.36 23.83 21.07
N ASP A 647 20.44 24.75 21.34
CA ASP A 647 19.05 24.40 21.69
C ASP A 647 18.28 23.82 20.50
N ILE A 648 18.40 24.51 19.35
CA ILE A 648 17.79 24.06 18.11
C ILE A 648 18.27 22.64 17.75
N VAL A 649 19.50 22.35 18.13
CA VAL A 649 20.06 21.02 17.92
C VAL A 649 19.47 19.96 18.84
N ARG A 650 19.27 20.29 20.11
CA ARG A 650 18.57 19.37 21.02
C ARG A 650 17.14 19.04 20.56
N ILE A 651 16.37 20.08 20.24
CA ILE A 651 14.98 19.90 19.82
C ILE A 651 14.83 19.08 18.55
N ALA A 652 15.75 19.25 17.61
CA ALA A 652 15.66 18.53 16.35
C ALA A 652 16.29 17.16 16.43
N GLY A 653 17.20 17.00 17.38
CA GLY A 653 18.09 15.84 17.43
C GLY A 653 17.43 14.62 18.01
N ASN A 654 16.12 14.50 17.78
CA ASN A 654 15.36 13.31 18.11
C ASN A 654 14.47 12.92 16.94
N GLY A 655 13.97 11.69 16.91
CA GLY A 655 12.98 11.27 15.93
C GLY A 655 11.77 12.18 16.02
N GLY A 656 11.32 12.72 14.88
CA GLY A 656 10.20 13.63 14.90
C GLY A 656 10.65 15.06 15.15
N GLY A 657 11.95 15.29 14.97
CA GLY A 657 12.60 16.57 15.25
C GLY A 657 11.91 17.70 14.53
N ALA A 658 11.55 17.44 13.27
CA ALA A 658 10.84 18.40 12.44
C ALA A 658 9.54 18.89 13.08
N GLN A 659 8.80 17.97 13.69
CA GLN A 659 7.52 18.29 14.30
C GLN A 659 7.69 19.03 15.61
N ALA A 660 8.82 18.83 16.27
CA ALA A 660 9.01 19.39 17.59
C ALA A 660 9.52 20.83 17.47
N LEU A 661 10.04 21.17 16.30
CA LEU A 661 10.45 22.54 16.01
C LEU A 661 9.24 23.34 15.57
N LYS A 662 8.28 22.69 14.90
CA LYS A 662 7.05 23.34 14.53
C LYS A 662 6.24 23.63 15.80
N ALA A 663 6.31 22.70 16.75
CA ALA A 663 5.63 22.85 18.02
C ALA A 663 6.23 23.97 18.85
N VAL A 664 7.55 24.02 18.94
CA VAL A 664 8.20 25.06 19.74
C VAL A 664 7.86 26.46 19.18
N LEU A 665 7.78 26.57 17.85
CA LEU A 665 7.25 27.77 17.23
C LEU A 665 5.81 28.03 17.64
N GLU A 666 4.95 27.04 17.41
CA GLU A 666 3.51 27.21 17.50
C GLU A 666 2.98 27.45 18.91
N HIS A 667 3.44 26.67 19.88
CA HIS A 667 2.93 26.75 21.24
C HIS A 667 3.89 27.43 22.19
N GLY A 668 5.11 27.68 21.72
CA GLY A 668 6.12 28.42 22.47
C GLY A 668 5.64 29.65 23.23
N PRO A 669 5.01 30.63 22.53
CA PRO A 669 4.60 31.87 23.20
C PRO A 669 3.49 31.66 24.24
N THR A 670 2.41 31.03 23.82
CA THR A 670 1.26 30.75 24.67
C THR A 670 1.65 30.02 25.95
N LEU A 671 2.78 29.31 25.93
CA LEU A 671 3.27 28.61 27.11
C LEU A 671 4.13 29.51 27.99
N ASN A 672 4.74 30.54 27.37
CA ASN A 672 5.50 31.55 28.13
C ASN A 672 4.66 32.28 29.16
N GLU A 673 3.49 32.77 28.74
CA GLU A 673 2.53 33.41 29.63
C GLU A 673 2.22 32.51 30.82
N ARG A 674 1.90 31.24 30.54
CA ARG A 674 1.50 30.29 31.56
C ARG A 674 2.57 30.13 32.63
N GLY A 675 3.79 30.53 32.29
CA GLY A 675 4.86 30.53 33.26
C GLY A 675 6.03 29.62 32.96
N PHE A 676 6.02 28.97 31.80
CA PHE A 676 7.15 28.09 31.40
C PHE A 676 8.32 28.86 30.79
N ASN A 677 9.50 28.73 31.38
CA ASN A 677 10.68 29.40 30.85
C ASN A 677 11.15 28.69 29.59
N LEU A 678 11.94 29.36 28.75
CA LEU A 678 12.45 28.76 27.53
C LEU A 678 13.27 27.47 27.77
N THR A 679 14.09 27.47 28.81
CA THR A 679 14.75 26.22 29.18
C THR A 679 13.75 25.09 29.38
N ASP A 680 12.62 25.38 30.02
CA ASP A 680 11.57 24.39 30.23
C ASP A 680 11.09 23.85 28.87
N ILE A 681 10.77 24.77 27.96
CA ILE A 681 10.24 24.44 26.64
C ILE A 681 11.17 23.50 25.89
N VAL A 682 12.45 23.71 26.10
CA VAL A 682 13.48 22.89 25.49
C VAL A 682 13.44 21.48 26.07
N GLU A 683 13.34 21.34 27.40
CA GLU A 683 13.41 20.01 28.02
C GLU A 683 12.23 19.13 27.61
N MET A 684 11.05 19.74 27.53
CA MET A 684 9.82 19.10 27.13
C MET A 684 9.79 18.75 25.66
N ALA A 685 10.47 19.55 24.84
CA ALA A 685 10.52 19.28 23.42
C ALA A 685 11.70 18.40 22.99
N ALA A 686 12.66 18.16 23.87
CA ALA A 686 13.92 17.54 23.47
C ALA A 686 13.91 16.04 23.69
N ASN A 687 12.81 15.44 23.27
CA ASN A 687 12.63 14.01 23.41
C ASN A 687 11.90 13.51 22.16
N SER A 688 12.03 12.22 21.85
CA SER A 688 11.12 11.59 20.88
C SER A 688 9.70 11.88 21.37
N GLY A 689 8.85 12.39 20.49
CA GLY A 689 7.49 12.79 20.85
C GLY A 689 7.29 14.18 21.44
N GLY A 690 8.24 15.07 21.18
CA GLY A 690 8.29 16.34 21.88
C GLY A 690 7.17 17.26 21.48
N ALA A 691 6.83 17.22 20.21
CA ALA A 691 5.70 17.98 19.70
C ALA A 691 4.41 17.66 20.50
N GLN A 692 4.23 16.40 20.88
CA GLN A 692 3.03 15.98 21.62
C GLN A 692 3.11 16.38 23.08
N ALA A 693 4.32 16.38 23.63
CA ALA A 693 4.53 16.78 25.02
C ALA A 693 4.12 18.22 25.19
N LEU A 694 4.44 19.06 24.20
CA LEU A 694 4.07 20.46 24.22
C LEU A 694 2.58 20.68 24.03
N LYS A 695 2.01 19.96 23.06
CA LYS A 695 0.58 19.98 22.78
C LYS A 695 -0.19 19.62 24.04
N ALA A 696 0.20 18.52 24.68
CA ALA A 696 -0.50 18.07 25.87
C ALA A 696 -0.36 19.10 26.99
N VAL A 697 0.84 19.67 27.17
CA VAL A 697 1.02 20.68 28.24
C VAL A 697 0.14 21.88 27.96
N LEU A 698 0.08 22.26 26.68
CA LEU A 698 -0.74 23.37 26.23
C LEU A 698 -2.20 23.21 26.67
N GLU A 699 -2.84 22.11 26.27
CA GLU A 699 -4.28 21.92 26.51
C GLU A 699 -4.66 21.31 27.86
N HIS A 700 -3.78 20.53 28.48
CA HIS A 700 -4.10 19.94 29.78
C HIS A 700 -3.40 20.60 30.97
N GLY A 701 -2.40 21.44 30.69
CA GLY A 701 -1.73 22.20 31.73
C GLY A 701 -2.62 23.00 32.68
N PRO A 702 -3.56 23.78 32.12
CA PRO A 702 -4.36 24.63 33.01
C PRO A 702 -5.28 23.88 34.02
N THR A 703 -5.86 22.77 33.60
CA THR A 703 -6.60 21.87 34.48
C THR A 703 -5.73 21.29 35.62
N LEU A 704 -4.58 20.74 35.26
CA LEU A 704 -3.59 20.24 36.22
C LEU A 704 -3.11 21.32 37.21
N ARG A 705 -3.07 22.57 36.76
CA ARG A 705 -2.74 23.67 37.65
C ARG A 705 -3.86 23.94 38.66
N GLN A 706 -5.10 23.95 38.20
CA GLN A 706 -6.26 24.03 39.10
C GLN A 706 -6.37 22.88 40.12
N ARG A 707 -5.67 21.78 39.87
CA ARG A 707 -5.79 20.60 40.72
C ARG A 707 -4.74 20.50 41.82
N GLY A 708 -3.76 21.39 41.78
CA GLY A 708 -2.74 21.48 42.82
C GLY A 708 -1.33 21.12 42.39
N LEU A 709 -1.13 20.84 41.11
CA LEU A 709 0.18 20.49 40.56
C LEU A 709 1.07 21.70 40.26
N SER A 710 2.32 21.66 40.73
CA SER A 710 3.33 22.72 40.44
C SER A 710 3.46 22.90 38.94
N LEU A 711 3.86 24.11 38.56
CA LEU A 711 4.51 24.33 37.29
C LEU A 711 5.63 23.29 37.08
N ILE A 712 6.49 23.14 38.08
CA ILE A 712 7.64 22.24 38.01
C ILE A 712 7.20 20.78 37.83
N ASP A 713 6.20 20.38 38.61
CA ASP A 713 5.52 19.09 38.44
C ASP A 713 5.15 18.81 36.99
N ILE A 714 4.42 19.73 36.36
CA ILE A 714 4.01 19.55 34.96
C ILE A 714 5.25 19.36 34.07
N VAL A 715 6.31 20.13 34.32
CA VAL A 715 7.52 20.07 33.49
C VAL A 715 8.26 18.76 33.71
N GLU A 716 8.19 18.24 34.94
CA GLU A 716 8.83 17.00 35.30
C GLU A 716 8.11 15.86 34.60
N ILE A 717 6.79 15.90 34.61
CA ILE A 717 6.01 14.86 33.96
C ILE A 717 6.20 14.99 32.47
N ALA A 718 6.13 16.20 31.93
CA ALA A 718 6.07 16.29 30.48
C ALA A 718 7.36 15.84 29.82
N SER A 719 8.45 15.85 30.58
CA SER A 719 9.74 15.52 29.99
C SER A 719 10.35 14.21 30.49
N ASN A 720 9.53 13.30 31.01
CA ASN A 720 10.04 12.01 31.49
C ASN A 720 9.52 10.65 30.94
N GLY A 721 8.22 10.37 30.90
CA GLY A 721 7.13 11.29 31.13
C GLY A 721 6.28 11.30 29.87
N GLY A 722 6.21 12.47 29.24
CA GLY A 722 5.59 12.61 27.94
C GLY A 722 4.12 12.99 27.97
N ALA A 723 3.61 13.28 26.77
CA ALA A 723 2.18 13.47 26.56
C ALA A 723 1.30 12.36 27.19
N GLN A 724 1.69 11.08 27.02
CA GLN A 724 0.87 9.97 27.54
C GLN A 724 0.74 9.99 29.06
N ALA A 725 1.89 10.23 29.71
CA ALA A 725 1.93 10.32 31.16
C ALA A 725 1.13 11.51 31.72
N LEU A 726 1.02 12.59 30.93
CA LEU A 726 0.21 13.74 31.31
C LEU A 726 -1.28 13.42 31.17
N LYS A 727 -1.65 12.78 30.07
CA LYS A 727 -3.05 12.40 29.84
C LYS A 727 -3.53 11.42 30.89
N ALA A 728 -2.61 10.63 31.43
CA ALA A 728 -2.97 9.66 32.47
C ALA A 728 -3.19 10.31 33.82
N VAL A 729 -2.26 11.18 34.23
CA VAL A 729 -2.48 11.99 35.43
C VAL A 729 -3.82 12.77 35.35
N LEU A 730 -4.09 13.31 34.16
CA LEU A 730 -5.35 13.97 33.87
C LEU A 730 -6.58 13.07 34.17
N LYS A 731 -6.65 11.89 33.55
CA LYS A 731 -7.82 11.02 33.71
C LYS A 731 -8.00 10.47 35.13
N TYR A 732 -6.92 9.95 35.70
CA TYR A 732 -7.01 9.19 36.94
C TYR A 732 -6.52 9.89 38.22
N GLY A 733 -5.77 10.99 38.05
CA GLY A 733 -5.30 11.77 39.19
C GLY A 733 -6.35 11.93 40.28
N PRO A 734 -7.48 12.57 39.94
CA PRO A 734 -8.60 12.79 40.88
C PRO A 734 -9.01 11.54 41.65
N VAL A 735 -9.15 10.44 40.92
CA VAL A 735 -9.52 9.14 41.47
C VAL A 735 -8.45 8.59 42.43
N LEU A 736 -7.19 8.73 42.05
CA LEU A 736 -6.10 8.33 42.93
C LEU A 736 -6.09 9.18 44.21
N MET A 737 -6.28 10.49 44.07
CA MET A 737 -6.46 11.37 45.22
C MET A 737 -7.62 10.92 46.14
N GLN A 738 -8.84 10.81 45.61
CA GLN A 738 -10.00 10.34 46.38
C GLN A 738 -9.66 9.11 47.23
N ALA A 739 -8.86 8.22 46.64
CA ALA A 739 -8.38 7.00 47.28
C ALA A 739 -7.15 7.23 48.18
N GLY A 740 -6.85 8.50 48.46
CA GLY A 740 -5.83 8.86 49.42
C GLY A 740 -4.40 8.91 48.93
N ARG A 741 -4.20 8.98 47.62
CA ARG A 741 -2.87 9.18 47.08
C ARG A 741 -2.51 10.64 47.23
N SER A 742 -1.21 10.93 47.20
CA SER A 742 -0.76 12.30 47.32
C SER A 742 -0.31 12.76 45.94
N ASN A 743 -0.34 14.07 45.75
CA ASN A 743 0.18 14.73 44.56
C ASN A 743 1.62 14.33 44.30
N GLU A 744 2.43 14.29 45.35
CA GLU A 744 3.84 13.95 45.25
C GLU A 744 4.01 12.52 44.73
N GLU A 745 3.14 11.60 45.15
CA GLU A 745 3.13 10.23 44.63
C GLU A 745 2.81 10.17 43.15
N ILE A 746 1.65 10.68 42.78
CA ILE A 746 1.17 10.61 41.40
C ILE A 746 2.16 11.20 40.40
N VAL A 747 2.88 12.25 40.83
CA VAL A 747 3.86 12.93 39.96
C VAL A 747 5.18 12.17 39.83
N HIS A 748 5.69 11.65 40.94
CA HIS A 748 6.92 10.87 40.88
C HIS A 748 6.71 9.63 40.01
N VAL A 749 5.56 8.98 40.17
CA VAL A 749 5.26 7.74 39.43
C VAL A 749 5.04 8.00 37.93
N ALA A 750 4.43 9.13 37.57
CA ALA A 750 4.20 9.46 36.17
C ALA A 750 5.38 10.14 35.47
N ALA A 751 6.28 10.79 36.23
CA ALA A 751 7.43 11.46 35.60
C ALA A 751 8.60 10.49 35.40
N ARG A 752 8.37 9.49 34.55
CA ARG A 752 9.42 8.59 34.09
C ARG A 752 9.00 7.84 32.84
N ARG A 753 9.93 7.07 32.30
CA ARG A 753 9.67 6.25 31.14
C ARG A 753 8.55 5.28 31.43
N GLY A 754 7.55 5.24 30.55
CA GLY A 754 6.37 4.42 30.79
C GLY A 754 5.59 4.86 32.03
N GLY A 755 5.59 6.17 32.30
CA GLY A 755 4.82 6.76 33.37
C GLY A 755 3.31 6.57 33.18
N ALA A 756 2.84 6.77 31.95
CA ALA A 756 1.43 6.52 31.61
C ALA A 756 0.94 5.18 32.10
N GLY A 757 1.67 4.11 31.76
CA GLY A 757 1.34 2.74 32.12
C GLY A 757 1.45 2.50 33.61
N ARG A 758 2.32 3.26 34.26
CA ARG A 758 2.55 3.11 35.67
C ARG A 758 1.37 3.67 36.44
N ILE A 759 0.83 4.77 35.91
CA ILE A 759 -0.33 5.39 36.52
C ILE A 759 -1.56 4.52 36.28
N ARG A 760 -1.76 4.06 35.06
CA ARG A 760 -2.93 3.25 34.76
C ARG A 760 -2.93 1.89 35.45
N LYS A 761 -1.78 1.45 35.94
CA LYS A 761 -1.68 0.21 36.71
C LYS A 761 -1.96 0.48 38.17
N MET A 762 -1.88 1.75 38.51
CA MET A 762 -2.17 2.22 39.84
C MET A 762 -3.70 2.48 40.04
N VAL A 763 -4.38 2.97 39.01
CA VAL A 763 -5.83 3.08 39.09
C VAL A 763 -6.50 1.71 39.16
N ALA A 764 -6.19 0.85 38.18
CA ALA A 764 -6.92 -0.40 37.85
C ALA A 764 -7.63 -1.17 38.98
N PRO A 765 -6.98 -1.32 40.15
CA PRO A 765 -7.74 -1.97 41.24
C PRO A 765 -9.03 -1.22 41.64
N LEU A 766 -9.30 -0.08 40.99
CA LEU A 766 -10.46 0.74 41.31
C LEU A 766 -11.53 0.65 40.22
N LEU A 767 -11.10 0.56 38.97
CA LEU A 767 -12.03 0.41 37.83
C LEU A 767 -11.95 -1.02 37.32
#